data_6H6H
#
_entry.id   6H6H
#
_cell.length_a   47.410
_cell.length_b   70.270
_cell.length_c   87.050
_cell.angle_alpha   83.98
_cell.angle_beta   86.90
_cell.angle_gamma   81.75
#
_symmetry.space_group_name_H-M   'P 1'
#
loop_
_entity.id
_entity.type
_entity.pdbx_description
1 polymer 'H-2D cell surface glycoprotein'
2 polymer Beta-2-microglobulin
3 polymer SER-GLY-PRO-SER-ASN-THR-PRO-PRO-GLU-ILE
4 non-polymer 'SULFATE ION'
5 non-polymer GLYCEROL
6 water water
#
loop_
_entity_poly.entity_id
_entity_poly.type
_entity_poly.pdbx_seq_one_letter_code
_entity_poly.pdbx_strand_id
1 'polypeptide(L)'
;GPHSMRYFETAVSRPGLEEPRYISVGYVDNKEFVRFDSDAENPRYEPRAPWMEQEGPEYWERETQKAKGQEQWFRVSLRN
LLGYYNQSAGGSHTLQQMSGCDLGSDWRLLRGYQQYAYDGRDYIALNEDLKTWTAADMAAQITRRKWEQSGAAEHYKAYL
EGECVEWLHRYLKNGNATLLRTDSPKAHVTHHPRSKGEVTLRCWALGFYPADITLTWQLNGEELTQDMELVETRPAGDGT
FQKWASVVVPLGKEQNYTCRVYHEGLPEPLTLRWEPPPSTDSYMVIVAVLGVLGAMAIIGAVVAFVMKRRRNTGGKGGDY
ALAPGSQSSEMSLRDCKA
;
A,D
2 'polypeptide(L)'
;IQKTPQIQVYSRHPPENGKPNILNCYVTQFHPPHIEIQMLKNGKKIPKVEMSDMSFSKDWSFYILAHTEFTPTETDTYAC
RVKHDSMAEPKTVYWDRDM
;
B,E
3 'polypeptide(L)' SGPSNTPPEI C,F
#
# COMPACT_ATOMS: atom_id res chain seq x y z
N GLY A 1 -3.96 -7.42 3.72
CA GLY A 1 -2.76 -6.69 3.17
C GLY A 1 -2.74 -6.63 1.66
N PRO A 2 -1.58 -6.26 1.05
CA PRO A 2 -1.44 -6.24 -0.42
C PRO A 2 -1.14 -7.65 -0.99
N HIS A 3 -2.17 -8.52 -0.98
CA HIS A 3 -2.01 -9.90 -1.42
C HIS A 3 -1.64 -10.03 -2.89
N SER A 4 -0.93 -11.10 -3.23
CA SER A 4 -0.43 -11.28 -4.58
C SER A 4 -0.39 -12.74 -5.03
N MET A 5 -0.52 -12.96 -6.34
CA MET A 5 -0.24 -14.23 -6.92
C MET A 5 0.67 -14.03 -8.10
N ARG A 6 1.64 -14.93 -8.27
CA ARG A 6 2.51 -14.93 -9.43
C ARG A 6 2.77 -16.30 -9.99
N TYR A 7 2.88 -16.37 -11.31
CA TYR A 7 3.43 -17.53 -11.99
C TYR A 7 4.70 -17.14 -12.73
N PHE A 8 5.80 -17.86 -12.40
CA PHE A 8 7.10 -17.59 -12.96
C PHE A 8 7.47 -18.78 -13.82
N GLU A 9 7.66 -18.54 -15.11
CA GLU A 9 7.85 -19.62 -16.09
C GLU A 9 9.17 -19.42 -16.83
N THR A 10 9.81 -20.54 -17.17
CA THR A 10 11.11 -20.56 -17.81
C THR A 10 11.18 -21.73 -18.77
N ALA A 11 11.62 -21.47 -20.00
CA ALA A 11 12.01 -22.52 -20.93
C ALA A 11 13.44 -22.26 -21.32
N VAL A 12 14.26 -23.32 -21.29
CA VAL A 12 15.71 -23.22 -21.55
C VAL A 12 16.05 -24.26 -22.62
N SER A 13 16.48 -23.80 -23.77
CA SER A 13 16.81 -24.67 -24.83
C SER A 13 18.11 -25.32 -24.54
N ARG A 14 18.31 -26.47 -25.14
CA ARG A 14 19.48 -27.28 -24.91
C ARG A 14 20.06 -27.76 -26.22
N PRO A 15 21.46 -27.81 -26.26
CA PRO A 15 21.99 -28.37 -27.52
C PRO A 15 21.72 -29.84 -27.66
N GLY A 16 21.64 -30.28 -28.90
CA GLY A 16 21.63 -31.70 -29.29
C GLY A 16 20.30 -32.40 -29.21
N LEU A 17 19.34 -31.92 -30.01
CA LEU A 17 18.05 -32.59 -30.26
C LEU A 17 17.07 -32.64 -29.07
N GLU A 18 17.50 -32.21 -27.89
CA GLU A 18 16.64 -32.20 -26.71
C GLU A 18 15.53 -31.19 -26.83
N GLU A 19 14.38 -31.49 -26.25
CA GLU A 19 13.31 -30.51 -26.12
C GLU A 19 13.79 -29.48 -25.10
N PRO A 20 13.31 -28.21 -25.18
CA PRO A 20 13.60 -27.29 -24.09
C PRO A 20 13.05 -27.76 -22.75
N ARG A 21 13.76 -27.41 -21.68
CA ARG A 21 13.26 -27.62 -20.34
C ARG A 21 12.33 -26.50 -19.93
N TYR A 22 11.14 -26.87 -19.47
CA TYR A 22 10.12 -25.93 -19.05
C TYR A 22 9.81 -26.12 -17.58
N ILE A 23 9.97 -25.04 -16.82
CA ILE A 23 9.64 -24.99 -15.40
C ILE A 23 8.66 -23.85 -15.12
N SER A 24 7.58 -24.17 -14.43
CA SER A 24 6.63 -23.18 -13.98
C SER A 24 6.50 -23.29 -12.48
N VAL A 25 6.46 -22.13 -11.81
CA VAL A 25 6.35 -22.04 -10.38
C VAL A 25 5.30 -21.00 -10.03
N GLY A 26 4.36 -21.39 -9.15
CA GLY A 26 3.31 -20.50 -8.70
C GLY A 26 3.63 -20.00 -7.30
N TYR A 27 3.28 -18.76 -7.02
CA TYR A 27 3.54 -18.11 -5.74
C TYR A 27 2.29 -17.43 -5.27
N VAL A 28 1.91 -17.70 -4.03
CA VAL A 28 0.90 -16.93 -3.35
C VAL A 28 1.60 -16.17 -2.24
N ASP A 29 1.49 -14.84 -2.27
CA ASP A 29 2.17 -13.97 -1.31
C ASP A 29 3.63 -14.32 -1.14
N ASN A 30 4.32 -14.37 -2.28
CA ASN A 30 5.76 -14.64 -2.35
C ASN A 30 6.23 -16.01 -1.83
N LYS A 31 5.30 -16.90 -1.52
CA LYS A 31 5.63 -18.22 -1.10
C LYS A 31 5.23 -19.20 -2.21
N GLU A 32 6.16 -20.09 -2.56
CA GLU A 32 5.95 -21.09 -3.58
C GLU A 32 4.86 -22.08 -3.17
N PHE A 33 3.85 -22.27 -4.01
CA PHE A 33 2.74 -23.19 -3.70
C PHE A 33 2.51 -24.34 -4.70
N VAL A 34 2.94 -24.16 -5.95
CA VAL A 34 2.91 -25.19 -6.98
C VAL A 34 4.13 -25.16 -7.85
N ARG A 35 4.39 -26.24 -8.54
CA ARG A 35 5.54 -26.36 -9.38
C ARG A 35 5.38 -27.45 -10.43
N PHE A 36 5.78 -27.15 -11.64
CA PHE A 36 5.75 -28.09 -12.72
C PHE A 36 7.11 -28.08 -13.32
N ASP A 37 7.61 -29.22 -13.71
CA ASP A 37 8.93 -29.32 -14.25
C ASP A 37 8.91 -30.39 -15.29
N SER A 38 9.24 -30.06 -16.53
CA SER A 38 9.16 -31.03 -17.63
C SER A 38 10.22 -32.14 -17.56
N ASP A 39 11.32 -31.90 -16.84
CA ASP A 39 12.34 -32.94 -16.64
C ASP A 39 11.94 -34.06 -15.71
N ALA A 40 10.92 -33.86 -14.89
CA ALA A 40 10.45 -34.91 -13.98
C ALA A 40 10.05 -36.20 -14.70
N GLU A 41 10.11 -37.30 -13.93
CA GLU A 41 9.63 -38.63 -14.31
C GLU A 41 8.32 -38.65 -15.11
N ASN A 42 7.25 -38.14 -14.49
CA ASN A 42 5.93 -38.05 -15.09
C ASN A 42 5.48 -36.60 -14.92
N PRO A 43 5.87 -35.72 -15.88
CA PRO A 43 5.71 -34.28 -15.67
C PRO A 43 4.30 -33.87 -15.31
N ARG A 44 4.14 -33.28 -14.13
CA ARG A 44 2.89 -32.72 -13.73
C ARG A 44 3.07 -31.65 -12.67
N TYR A 45 2.06 -30.81 -12.51
CA TYR A 45 2.04 -29.85 -11.43
C TYR A 45 1.99 -30.62 -10.09
N GLU A 46 2.77 -30.17 -9.11
CA GLU A 46 2.82 -30.76 -7.78
C GLU A 46 2.60 -29.67 -6.73
N PRO A 47 1.98 -30.02 -5.58
CA PRO A 47 1.83 -29.06 -4.49
C PRO A 47 3.15 -28.86 -3.80
N ARG A 48 3.37 -27.62 -3.36
CA ARG A 48 4.61 -27.20 -2.71
C ARG A 48 4.38 -26.53 -1.35
N ALA A 49 3.11 -26.36 -0.98
CA ALA A 49 2.70 -26.04 0.38
C ALA A 49 1.66 -27.10 0.85
N PRO A 50 1.61 -27.37 2.16
CA PRO A 50 0.63 -28.31 2.75
C PRO A 50 -0.83 -28.02 2.41
N TRP A 51 -1.22 -26.75 2.49
CA TRP A 51 -2.60 -26.33 2.21
C TRP A 51 -3.09 -26.50 0.75
N MET A 52 -2.19 -26.83 -0.18
CA MET A 52 -2.59 -27.29 -1.51
C MET A 52 -3.01 -28.76 -1.61
N GLU A 53 -2.73 -29.55 -0.57
CA GLU A 53 -3.04 -30.99 -0.58
C GLU A 53 -4.52 -31.32 -0.49
N GLN A 54 -5.35 -30.33 -0.19
CA GLN A 54 -6.79 -30.47 -0.20
C GLN A 54 -7.39 -30.47 -1.61
N GLU A 55 -6.64 -30.05 -2.62
CA GLU A 55 -7.20 -29.96 -3.99
C GLU A 55 -7.34 -31.35 -4.57
N GLY A 56 -8.42 -31.56 -5.31
CA GLY A 56 -8.70 -32.84 -5.96
C GLY A 56 -7.93 -33.04 -7.26
N PRO A 57 -7.84 -34.28 -7.75
CA PRO A 57 -7.01 -34.58 -8.93
C PRO A 57 -7.41 -33.84 -10.21
N GLU A 58 -8.66 -33.37 -10.29
CA GLU A 58 -9.14 -32.52 -11.38
C GLU A 58 -8.34 -31.23 -11.48
N TYR A 59 -7.99 -30.66 -10.33
CA TYR A 59 -7.27 -29.40 -10.26
C TYR A 59 -5.92 -29.65 -10.87
N TRP A 60 -5.24 -30.67 -10.39
CA TRP A 60 -3.92 -31.00 -10.88
C TRP A 60 -3.90 -31.31 -12.37
N GLU A 61 -4.89 -32.08 -12.83
CA GLU A 61 -4.93 -32.49 -14.23
C GLU A 61 -5.16 -31.29 -15.13
N ARG A 62 -6.03 -30.38 -14.69
CA ARG A 62 -6.30 -29.17 -15.42
C ARG A 62 -5.06 -28.27 -15.49
N GLU A 63 -4.41 -28.05 -14.36
CA GLU A 63 -3.21 -27.22 -14.37
C GLU A 63 -2.12 -27.90 -15.21
N THR A 64 -2.02 -29.22 -15.08
CA THR A 64 -1.02 -29.95 -15.82
C THR A 64 -1.26 -29.83 -17.32
N GLN A 65 -2.52 -29.81 -17.74
CA GLN A 65 -2.82 -29.65 -19.16
C GLN A 65 -2.42 -28.26 -19.66
N LYS A 66 -2.63 -27.22 -18.85
CA LYS A 66 -2.22 -25.87 -19.20
C LYS A 66 -0.72 -25.80 -19.40
N ALA A 67 0.02 -26.40 -18.48
CA ALA A 67 1.46 -26.45 -18.57
C ALA A 67 1.97 -27.07 -19.85
N LYS A 68 1.30 -28.12 -20.33
CA LYS A 68 1.71 -28.74 -21.62
C LYS A 68 1.48 -27.77 -22.78
N GLY A 69 0.42 -26.98 -22.67
CA GLY A 69 0.16 -25.88 -23.58
C GLY A 69 1.25 -24.82 -23.52
N GLN A 70 1.64 -24.39 -22.32
CA GLN A 70 2.67 -23.37 -22.17
C GLN A 70 3.99 -23.89 -22.70
N GLU A 71 4.33 -25.13 -22.33
CA GLU A 71 5.55 -25.74 -22.81
C GLU A 71 5.71 -25.57 -24.34
N GLN A 72 4.64 -25.87 -25.07
CA GLN A 72 4.64 -25.82 -26.51
C GLN A 72 4.74 -24.40 -27.05
N TRP A 73 3.93 -23.49 -26.52
CA TRP A 73 3.96 -22.08 -26.87
C TRP A 73 5.34 -21.47 -26.60
N PHE A 74 5.96 -21.86 -25.48
CA PHE A 74 7.33 -21.48 -25.18
C PHE A 74 8.35 -22.03 -26.16
N ARG A 75 8.14 -23.27 -26.56
CA ARG A 75 9.06 -23.94 -27.48
C ARG A 75 9.07 -23.28 -28.91
N VAL A 76 7.90 -22.96 -29.41
CA VAL A 76 7.76 -22.28 -30.70
C VAL A 76 8.27 -20.83 -30.62
N SER A 77 8.00 -20.14 -29.51
CA SER A 77 8.55 -18.83 -29.26
C SER A 77 10.09 -18.80 -29.28
N LEU A 78 10.71 -19.75 -28.60
CA LEU A 78 12.16 -19.86 -28.58
C LEU A 78 12.75 -19.95 -29.99
N ARG A 79 12.19 -20.86 -30.78
CA ARG A 79 12.52 -21.00 -32.20
C ARG A 79 12.43 -19.67 -32.95
N ASN A 80 11.30 -18.97 -32.78
CA ASN A 80 11.11 -17.67 -33.42
C ASN A 80 12.14 -16.62 -32.97
N LEU A 81 12.45 -16.64 -31.67
CA LEU A 81 13.35 -15.66 -31.09
C LEU A 81 14.75 -15.81 -31.68
N LEU A 82 15.18 -17.05 -31.80
CA LEU A 82 16.41 -17.43 -32.47
C LEU A 82 16.50 -16.77 -33.87
N GLY A 83 15.42 -16.84 -34.63
CA GLY A 83 15.32 -16.20 -35.95
C GLY A 83 15.29 -14.69 -35.90
N TYR A 84 14.62 -14.12 -34.91
CA TYR A 84 14.59 -12.65 -34.76
C TYR A 84 15.95 -12.03 -34.46
N TYR A 85 16.76 -12.71 -33.67
CA TYR A 85 18.08 -12.21 -33.29
C TYR A 85 19.24 -12.80 -34.12
N ASN A 86 18.90 -13.57 -35.16
CA ASN A 86 19.89 -14.06 -36.11
C ASN A 86 20.94 -14.94 -35.43
N GLN A 87 20.47 -15.80 -34.54
CA GLN A 87 21.36 -16.59 -33.70
C GLN A 87 21.46 -18.01 -34.24
N SER A 88 22.53 -18.69 -33.89
CA SER A 88 22.72 -20.03 -34.35
C SER A 88 22.09 -20.98 -33.38
N ALA A 89 21.99 -22.25 -33.77
CA ALA A 89 21.17 -23.20 -33.04
C ALA A 89 21.95 -24.24 -32.27
N GLY A 90 23.24 -23.99 -32.14
CA GLY A 90 24.03 -24.88 -31.35
C GLY A 90 23.77 -24.68 -29.89
N GLY A 91 23.17 -23.57 -29.52
CA GLY A 91 23.28 -23.02 -28.19
C GLY A 91 22.14 -23.06 -27.23
N SER A 92 22.26 -22.28 -26.17
CA SER A 92 21.34 -22.32 -25.07
C SER A 92 20.76 -20.97 -24.76
N HIS A 93 19.46 -20.89 -24.84
CA HIS A 93 18.73 -19.65 -24.63
C HIS A 93 17.61 -19.83 -23.61
N THR A 94 17.11 -18.72 -23.08
CA THR A 94 16.04 -18.76 -22.11
C THR A 94 14.89 -17.82 -22.47
N LEU A 95 13.69 -18.26 -22.17
CA LEU A 95 12.52 -17.45 -22.21
C LEU A 95 11.83 -17.58 -20.86
N GLN A 96 11.56 -16.45 -20.24
CA GLN A 96 10.96 -16.37 -18.94
C GLN A 96 9.68 -15.56 -19.00
N GLN A 97 8.73 -15.86 -18.13
CA GLN A 97 7.48 -15.16 -18.09
C GLN A 97 7.10 -14.88 -16.67
N MET A 98 6.54 -13.73 -16.42
CA MET A 98 5.99 -13.38 -15.14
C MET A 98 4.55 -12.94 -15.33
N SER A 99 3.65 -13.55 -14.59
CA SER A 99 2.22 -13.29 -14.67
C SER A 99 1.69 -13.21 -13.27
N GLY A 100 0.72 -12.33 -13.05
CA GLY A 100 -0.02 -12.38 -11.84
C GLY A 100 -0.75 -11.11 -11.50
N CYS A 101 -1.35 -11.12 -10.30
CA CYS A 101 -2.19 -10.04 -9.86
C CYS A 101 -1.85 -9.64 -8.44
N ASP A 102 -2.16 -8.38 -8.14
CA ASP A 102 -2.08 -7.80 -6.82
C ASP A 102 -3.49 -7.45 -6.40
N LEU A 103 -3.87 -7.87 -5.21
CA LEU A 103 -5.18 -7.60 -4.64
C LEU A 103 -5.04 -6.74 -3.41
N GLY A 104 -6.08 -5.95 -3.15
CA GLY A 104 -6.16 -5.12 -1.96
C GLY A 104 -6.77 -5.92 -0.83
N SER A 105 -6.78 -5.30 0.36
CA SER A 105 -7.52 -5.84 1.53
C SER A 105 -9.03 -5.96 1.27
N ASP A 106 -9.54 -5.17 0.33
CA ASP A 106 -10.93 -5.25 -0.14
C ASP A 106 -11.18 -6.34 -1.21
N TRP A 107 -10.14 -7.13 -1.54
CA TRP A 107 -10.18 -8.21 -2.55
C TRP A 107 -10.33 -7.71 -3.98
N ARG A 108 -9.88 -6.49 -4.20
CA ARG A 108 -10.10 -5.81 -5.46
C ARG A 108 -8.75 -5.70 -6.16
N LEU A 109 -8.76 -5.92 -7.47
CA LEU A 109 -7.56 -5.90 -8.27
C LEU A 109 -6.88 -4.55 -8.18
N LEU A 110 -5.63 -4.56 -7.72
CA LEU A 110 -4.78 -3.36 -7.70
C LEU A 110 -4.01 -3.25 -9.01
N ARG A 111 -3.34 -4.34 -9.40
CA ARG A 111 -2.53 -4.34 -10.61
C ARG A 111 -2.34 -5.77 -11.14
N GLY A 112 -2.35 -5.92 -12.46
CA GLY A 112 -2.07 -7.19 -13.12
C GLY A 112 -0.79 -7.10 -13.91
N TYR A 113 -0.08 -8.22 -14.04
CA TYR A 113 1.23 -8.27 -14.64
C TYR A 113 1.37 -9.30 -15.75
N GLN A 114 2.03 -8.94 -16.82
CA GLN A 114 2.38 -9.90 -17.86
C GLN A 114 3.66 -9.49 -18.56
N GLN A 115 4.76 -10.14 -18.23
CA GLN A 115 6.08 -9.75 -18.70
C GLN A 115 6.88 -10.91 -19.24
N TYR A 116 7.67 -10.66 -20.27
CA TYR A 116 8.56 -11.65 -20.82
C TYR A 116 9.98 -11.16 -20.88
N ALA A 117 10.94 -12.05 -20.78
CA ALA A 117 12.34 -11.75 -20.96
C ALA A 117 13.00 -12.83 -21.78
N TYR A 118 13.93 -12.39 -22.62
CA TYR A 118 14.69 -13.28 -23.43
C TYR A 118 16.12 -13.18 -23.00
N ASP A 119 16.76 -14.32 -22.78
CA ASP A 119 18.12 -14.39 -22.32
C ASP A 119 18.36 -13.44 -21.13
N GLY A 120 17.41 -13.40 -20.21
CA GLY A 120 17.52 -12.60 -19.00
C GLY A 120 17.28 -11.11 -19.13
N ARG A 121 16.82 -10.66 -20.30
CA ARG A 121 16.66 -9.25 -20.59
C ARG A 121 15.21 -8.99 -20.96
N ASP A 122 14.66 -7.89 -20.44
CA ASP A 122 13.32 -7.44 -20.80
C ASP A 122 13.06 -7.56 -22.30
N TYR A 123 11.95 -8.19 -22.68
CA TYR A 123 11.58 -8.35 -24.07
C TYR A 123 10.30 -7.59 -24.34
N ILE A 124 9.18 -8.05 -23.80
CA ILE A 124 7.92 -7.33 -23.95
C ILE A 124 7.16 -7.40 -22.64
N ALA A 125 6.33 -6.40 -22.39
CA ALA A 125 5.57 -6.35 -21.15
C ALA A 125 4.26 -5.62 -21.37
N LEU A 126 3.19 -6.17 -20.80
CA LEU A 126 1.89 -5.53 -20.85
C LEU A 126 1.90 -4.37 -19.86
N ASN A 127 1.50 -3.18 -20.31
CA ASN A 127 1.47 -2.01 -19.42
C ASN A 127 0.35 -2.09 -18.39
N GLU A 128 0.38 -1.19 -17.42
CA GLU A 128 -0.56 -1.19 -16.33
C GLU A 128 -2.01 -1.00 -16.78
N ASP A 129 -2.22 -0.43 -17.96
CA ASP A 129 -3.56 -0.29 -18.49
C ASP A 129 -4.11 -1.59 -18.99
N LEU A 130 -3.24 -2.51 -19.31
CA LEU A 130 -3.63 -3.83 -19.71
C LEU A 130 -4.20 -3.86 -21.11
N LYS A 131 -3.81 -2.90 -21.91
CA LYS A 131 -4.23 -2.82 -23.28
C LYS A 131 -3.07 -2.60 -24.21
N THR A 132 -2.00 -2.02 -23.73
CA THR A 132 -0.84 -1.73 -24.56
C THR A 132 0.42 -2.47 -24.15
N TRP A 133 1.31 -2.70 -25.10
CA TRP A 133 2.57 -3.36 -24.82
C TRP A 133 3.73 -2.41 -24.93
N THR A 134 4.70 -2.55 -24.04
CA THR A 134 6.01 -1.91 -24.15
C THR A 134 7.03 -2.95 -24.58
N ALA A 135 7.56 -2.77 -25.78
CA ALA A 135 8.60 -3.64 -26.30
C ALA A 135 9.95 -2.94 -26.06
N ALA A 136 10.91 -3.65 -25.50
CA ALA A 136 12.18 -3.04 -25.10
C ALA A 136 13.21 -2.98 -26.25
N ASP A 137 12.83 -3.47 -27.42
CA ASP A 137 13.76 -4.09 -28.33
C ASP A 137 13.30 -3.99 -29.78
N MET A 138 14.24 -4.11 -30.71
CA MET A 138 13.91 -4.14 -32.13
C MET A 138 13.05 -5.35 -32.39
N ALA A 139 13.55 -6.53 -32.04
CA ALA A 139 12.83 -7.80 -32.24
C ALA A 139 11.44 -7.85 -31.57
N ALA A 140 11.35 -7.28 -30.39
CA ALA A 140 10.08 -7.21 -29.65
C ALA A 140 9.04 -6.32 -30.28
N GLN A 141 9.44 -5.45 -31.22
CA GLN A 141 8.47 -4.68 -32.01
C GLN A 141 7.69 -5.62 -32.92
N ILE A 142 8.39 -6.64 -33.45
CA ILE A 142 7.80 -7.66 -34.32
C ILE A 142 6.64 -8.30 -33.55
N THR A 143 6.97 -8.74 -32.32
CA THR A 143 6.03 -9.40 -31.43
C THR A 143 4.89 -8.46 -31.07
N ARG A 144 5.21 -7.23 -30.67
CA ARG A 144 4.20 -6.25 -30.34
C ARG A 144 3.22 -6.01 -31.50
N ARG A 145 3.71 -5.95 -32.73
CA ARG A 145 2.86 -5.75 -33.90
C ARG A 145 1.85 -6.91 -34.01
N LYS A 146 2.33 -8.15 -33.97
CA LYS A 146 1.45 -9.34 -33.97
C LYS A 146 0.34 -9.31 -32.90
N TRP A 147 0.71 -8.96 -31.68
CA TRP A 147 -0.22 -9.01 -30.55
C TRP A 147 -1.23 -7.87 -30.57
N GLU A 148 -0.83 -6.73 -31.12
CA GLU A 148 -1.76 -5.62 -31.28
C GLU A 148 -2.78 -5.97 -32.36
N GLN A 149 -2.31 -6.60 -33.43
CA GLN A 149 -3.19 -7.01 -34.53
C GLN A 149 -4.17 -8.09 -34.12
N SER A 150 -3.71 -9.04 -33.30
CA SER A 150 -4.57 -10.16 -32.83
C SER A 150 -5.40 -9.84 -31.60
N GLY A 151 -5.13 -8.73 -30.92
CA GLY A 151 -5.82 -8.38 -29.68
C GLY A 151 -5.50 -9.32 -28.51
N ALA A 152 -4.26 -9.80 -28.47
CA ALA A 152 -3.80 -10.68 -27.42
C ALA A 152 -3.95 -10.01 -26.06
N ALA A 153 -3.68 -8.72 -25.96
CA ALA A 153 -3.85 -7.99 -24.69
C ALA A 153 -5.21 -8.28 -24.00
N GLU A 154 -6.27 -8.35 -24.80
CA GLU A 154 -7.63 -8.63 -24.28
C GLU A 154 -7.67 -9.97 -23.53
N HIS A 155 -7.06 -10.99 -24.14
CA HIS A 155 -7.02 -12.32 -23.56
C HIS A 155 -6.32 -12.30 -22.20
N TYR A 156 -5.14 -11.70 -22.13
CA TYR A 156 -4.40 -11.59 -20.86
C TYR A 156 -5.11 -10.72 -19.83
N LYS A 157 -5.71 -9.61 -20.26
CA LYS A 157 -6.52 -8.78 -19.37
C LYS A 157 -7.63 -9.59 -18.68
N ALA A 158 -8.33 -10.42 -19.46
CA ALA A 158 -9.44 -11.23 -18.93
C ALA A 158 -8.98 -12.25 -17.89
N TYR A 159 -7.84 -12.89 -18.15
CA TYR A 159 -7.23 -13.79 -17.19
C TYR A 159 -6.82 -13.04 -15.91
N LEU A 160 -6.15 -11.91 -16.05
CA LEU A 160 -5.69 -11.14 -14.88
C LEU A 160 -6.84 -10.54 -14.03
N GLU A 161 -7.87 -10.01 -14.70
CA GLU A 161 -9.02 -9.45 -13.98
C GLU A 161 -9.97 -10.50 -13.40
N GLY A 162 -9.99 -11.71 -13.96
CA GLY A 162 -10.97 -12.73 -13.58
C GLY A 162 -10.38 -13.90 -12.83
N GLU A 163 -9.97 -14.92 -13.59
CA GLU A 163 -9.41 -16.15 -13.06
C GLU A 163 -8.30 -15.92 -12.01
N CYS A 164 -7.28 -15.11 -12.33
CA CYS A 164 -6.17 -14.83 -11.38
C CYS A 164 -6.65 -14.33 -10.02
N VAL A 165 -7.57 -13.37 -10.06
CA VAL A 165 -8.14 -12.76 -8.87
C VAL A 165 -9.00 -13.76 -8.08
N GLU A 166 -9.88 -14.49 -8.76
CA GLU A 166 -10.78 -15.43 -8.10
C GLU A 166 -9.99 -16.54 -7.42
N TRP A 167 -9.02 -17.09 -8.15
CA TRP A 167 -8.19 -18.15 -7.61
C TRP A 167 -7.29 -17.67 -6.47
N LEU A 168 -6.79 -16.44 -6.54
CA LEU A 168 -5.96 -15.93 -5.45
C LEU A 168 -6.80 -15.97 -4.19
N HIS A 169 -8.02 -15.45 -4.30
CA HIS A 169 -8.94 -15.47 -3.17
C HIS A 169 -9.21 -16.86 -2.59
N ARG A 170 -9.57 -17.79 -3.47
CA ARG A 170 -9.76 -19.19 -3.09
C ARG A 170 -8.52 -19.74 -2.33
N TYR A 171 -7.32 -19.44 -2.83
CA TYR A 171 -6.09 -19.94 -2.20
C TYR A 171 -5.83 -19.32 -0.83
N LEU A 172 -6.21 -18.06 -0.65
CA LEU A 172 -6.04 -17.40 0.65
C LEU A 172 -6.96 -18.01 1.70
N LYS A 173 -8.23 -18.21 1.37
CA LYS A 173 -9.17 -18.89 2.26
C LYS A 173 -8.67 -20.29 2.60
N ASN A 174 -8.15 -21.00 1.60
CA ASN A 174 -7.56 -22.32 1.83
C ASN A 174 -6.38 -22.33 2.80
N GLY A 175 -5.64 -21.22 2.88
CA GLY A 175 -4.36 -21.11 3.60
C GLY A 175 -4.25 -20.40 4.92
N ASN A 176 -5.35 -19.87 5.45
CA ASN A 176 -5.30 -19.19 6.76
C ASN A 176 -4.78 -20.09 7.88
N ARG A 181 -0.43 -15.00 8.85
CA ARG A 181 0.47 -15.81 9.68
C ARG A 181 1.94 -15.34 9.62
N THR A 182 2.48 -15.00 10.78
CA THR A 182 3.80 -14.41 10.88
C THR A 182 4.66 -15.12 11.92
N ASP A 183 5.98 -14.94 11.79
CA ASP A 183 6.96 -15.32 12.81
C ASP A 183 7.78 -14.08 13.11
N SER A 184 7.78 -13.65 14.36
CA SER A 184 8.51 -12.46 14.77
C SER A 184 10.01 -12.68 14.77
N PRO A 185 10.80 -11.65 14.46
CA PRO A 185 12.24 -11.84 14.57
C PRO A 185 12.72 -11.88 16.01
N LYS A 186 13.72 -12.74 16.24
CA LYS A 186 14.50 -12.73 17.47
C LYS A 186 15.77 -11.98 17.12
N ALA A 187 16.03 -10.91 17.84
CA ALA A 187 17.15 -10.03 17.53
C ALA A 187 18.16 -10.03 18.64
N HIS A 188 19.43 -9.84 18.28
CA HIS A 188 20.51 -9.66 19.23
C HIS A 188 21.66 -8.93 18.53
N VAL A 189 22.54 -8.32 19.30
CA VAL A 189 23.70 -7.67 18.71
C VAL A 189 24.99 -8.32 19.17
N THR A 190 25.94 -8.42 18.25
CA THR A 190 27.23 -8.97 18.56
C THR A 190 28.26 -7.87 18.33
N HIS A 191 29.41 -8.09 18.92
CA HIS A 191 30.48 -7.13 19.08
C HIS A 191 31.73 -7.76 18.44
N HIS A 192 32.39 -7.01 17.55
CA HIS A 192 33.52 -7.54 16.81
C HIS A 192 34.66 -6.54 16.69
N PRO A 193 35.88 -6.95 17.07
CA PRO A 193 37.02 -6.03 17.05
C PRO A 193 37.35 -5.53 15.67
N ARG A 194 38.01 -4.39 15.63
CA ARG A 194 38.65 -3.88 14.42
C ARG A 194 39.98 -3.31 14.88
N SER A 195 40.75 -2.73 13.96
CA SER A 195 41.96 -2.00 14.34
C SER A 195 41.69 -0.48 14.54
N LYS A 196 42.65 0.21 15.16
CA LYS A 196 42.64 1.67 15.32
C LYS A 196 41.54 2.19 16.27
N GLY A 197 41.26 1.44 17.35
CA GLY A 197 40.29 1.85 18.38
C GLY A 197 38.84 1.89 17.91
N GLU A 198 38.46 0.91 17.10
CA GLU A 198 37.12 0.82 16.53
C GLU A 198 36.55 -0.57 16.71
N VAL A 199 35.22 -0.64 16.71
CA VAL A 199 34.49 -1.88 16.94
C VAL A 199 33.35 -1.99 15.92
N THR A 200 33.02 -3.23 15.53
CA THR A 200 31.82 -3.51 14.74
C THR A 200 30.72 -4.03 15.66
N LEU A 201 29.55 -3.44 15.50
CA LEU A 201 28.34 -3.89 16.14
C LEU A 201 27.41 -4.40 15.08
N ARG A 202 26.89 -5.58 15.31
CA ARG A 202 26.11 -6.28 14.33
C ARG A 202 24.78 -6.64 14.93
N CYS A 203 23.72 -6.15 14.33
CA CYS A 203 22.36 -6.43 14.73
C CYS A 203 21.79 -7.53 13.88
N TRP A 204 21.42 -8.61 14.53
CA TRP A 204 20.92 -9.76 13.85
C TRP A 204 19.43 -9.86 14.06
N ALA A 205 18.71 -10.19 12.99
CA ALA A 205 17.32 -10.60 13.09
C ALA A 205 17.23 -11.99 12.50
N LEU A 206 16.61 -12.90 13.25
CA LEU A 206 16.57 -14.32 12.90
C LEU A 206 15.20 -14.95 13.09
N GLY A 207 14.90 -15.95 12.28
CA GLY A 207 13.70 -16.75 12.44
C GLY A 207 12.41 -16.02 12.13
N PHE A 208 12.45 -15.06 11.19
CA PHE A 208 11.27 -14.25 10.88
C PHE A 208 10.59 -14.66 9.57
N TYR A 209 9.25 -14.53 9.55
CA TYR A 209 8.43 -14.69 8.35
C TYR A 209 7.30 -13.68 8.46
N PRO A 210 6.95 -12.94 7.40
CA PRO A 210 7.52 -13.02 6.06
C PRO A 210 8.86 -12.36 5.97
N ALA A 211 9.40 -12.31 4.76
CA ALA A 211 10.79 -11.94 4.53
C ALA A 211 11.05 -10.46 4.71
N ASP A 212 10.02 -9.64 4.51
CA ASP A 212 10.16 -8.17 4.58
C ASP A 212 10.56 -7.71 5.98
N ILE A 213 11.59 -6.87 6.07
CA ILE A 213 12.11 -6.42 7.34
C ILE A 213 12.95 -5.18 7.13
N THR A 214 13.03 -4.34 8.15
CA THR A 214 13.89 -3.17 8.13
C THR A 214 14.73 -3.15 9.41
N LEU A 215 16.03 -2.90 9.26
CA LEU A 215 16.95 -2.78 10.39
C LEU A 215 17.66 -1.45 10.30
N THR A 216 17.67 -0.74 11.41
CA THR A 216 18.29 0.57 11.46
C THR A 216 19.20 0.64 12.67
N TRP A 217 20.26 1.44 12.54
CA TRP A 217 21.11 1.81 13.67
C TRP A 217 20.94 3.30 13.98
N GLN A 218 20.86 3.62 15.26
CA GLN A 218 20.69 4.99 15.74
C GLN A 218 21.90 5.44 16.56
N LEU A 219 22.37 6.66 16.33
CA LEU A 219 23.29 7.38 17.24
C LEU A 219 22.57 8.60 17.85
N ASN A 220 22.20 8.49 19.12
CA ASN A 220 21.51 9.58 19.83
C ASN A 220 20.27 10.06 19.06
N GLY A 221 19.39 9.11 18.74
CA GLY A 221 18.17 9.39 18.00
C GLY A 221 18.30 9.74 16.52
N GLU A 222 19.51 9.78 15.97
CA GLU A 222 19.70 10.05 14.54
C GLU A 222 20.10 8.77 13.77
N GLU A 223 19.41 8.50 12.66
CA GLU A 223 19.60 7.24 11.92
C GLU A 223 20.89 7.25 11.13
N LEU A 224 21.62 6.13 11.21
CA LEU A 224 22.90 5.98 10.51
C LEU A 224 22.69 5.18 9.21
N THR A 225 22.03 5.82 8.24
CA THR A 225 21.81 5.23 6.91
C THR A 225 23.13 5.13 6.12
N GLN A 226 24.07 6.04 6.43
CA GLN A 226 25.26 6.26 5.62
C GLN A 226 26.26 5.08 5.61
N ASP A 227 26.84 4.76 6.76
CA ASP A 227 27.94 3.76 6.85
C ASP A 227 27.51 2.41 7.47
N MET A 228 26.23 2.09 7.35
CA MET A 228 25.68 0.83 7.86
C MET A 228 25.95 -0.25 6.83
N GLU A 229 26.52 -1.38 7.25
CA GLU A 229 26.63 -2.55 6.36
C GLU A 229 25.37 -3.40 6.56
N LEU A 230 24.93 -4.01 5.48
CA LEU A 230 23.63 -4.65 5.41
C LEU A 230 23.78 -5.88 4.53
N VAL A 231 23.38 -7.05 4.99
CA VAL A 231 23.31 -8.19 4.06
C VAL A 231 21.92 -8.33 3.49
N GLU A 232 21.85 -8.93 2.31
CA GLU A 232 20.58 -9.27 1.74
C GLU A 232 19.88 -10.36 2.55
N THR A 233 18.58 -10.24 2.68
CA THR A 233 17.79 -11.15 3.45
C THR A 233 17.93 -12.48 2.86
N ARG A 234 18.10 -13.47 3.70
CA ARG A 234 18.47 -14.79 3.28
C ARG A 234 17.61 -15.82 3.90
N PRO A 235 17.39 -16.94 3.09
CA PRO A 235 16.57 -17.96 3.74
C PRO A 235 17.35 -18.88 4.66
N ALA A 236 16.73 -19.26 5.75
CA ALA A 236 17.35 -20.14 6.71
C ALA A 236 17.22 -21.58 6.32
N GLY A 237 16.22 -21.88 5.52
CA GLY A 237 16.00 -23.21 5.01
C GLY A 237 14.87 -23.92 5.70
N ASP A 238 14.29 -23.29 6.71
CA ASP A 238 13.18 -23.87 7.47
C ASP A 238 11.90 -23.07 7.24
N GLY A 239 11.87 -22.24 6.19
CA GLY A 239 10.73 -21.37 5.91
C GLY A 239 10.80 -19.98 6.53
N THR A 240 11.78 -19.75 7.40
CA THR A 240 12.01 -18.41 8.01
C THR A 240 13.22 -17.74 7.37
N PHE A 241 13.47 -16.49 7.77
CA PHE A 241 14.51 -15.68 7.17
C PHE A 241 15.46 -15.06 8.20
N GLN A 242 16.55 -14.51 7.66
CA GLN A 242 17.63 -13.95 8.44
C GLN A 242 18.11 -12.65 7.79
N LYS A 243 18.51 -11.70 8.62
CA LYS A 243 19.15 -10.51 8.11
C LYS A 243 20.00 -9.92 9.21
N TRP A 244 21.00 -9.15 8.83
CA TRP A 244 21.75 -8.39 9.81
C TRP A 244 22.23 -7.09 9.26
N ALA A 245 22.54 -6.19 10.19
CA ALA A 245 23.01 -4.85 9.86
C ALA A 245 24.11 -4.48 10.83
N SER A 246 25.08 -3.72 10.37
CA SER A 246 26.22 -3.42 11.22
C SER A 246 26.78 -2.03 10.98
N VAL A 247 27.34 -1.47 12.06
CA VAL A 247 28.02 -0.18 12.04
C VAL A 247 29.36 -0.32 12.75
N VAL A 248 30.33 0.45 12.28
CA VAL A 248 31.62 0.56 12.92
C VAL A 248 31.52 1.74 13.89
N VAL A 249 31.78 1.50 15.17
CA VAL A 249 31.72 2.56 16.19
C VAL A 249 33.03 2.69 16.98
N PRO A 250 33.24 3.84 17.65
CA PRO A 250 34.41 3.96 18.53
C PRO A 250 34.32 3.10 19.78
N LEU A 251 35.48 2.52 20.14
CA LEU A 251 35.64 1.63 21.30
C LEU A 251 35.30 2.40 22.57
N GLY A 252 34.51 1.77 23.44
CA GLY A 252 34.00 2.43 24.65
C GLY A 252 32.71 3.24 24.50
N LYS A 253 32.30 3.56 23.26
CA LYS A 253 31.07 4.34 23.01
C LYS A 253 29.91 3.48 22.49
N GLU A 254 29.93 2.18 22.81
CA GLU A 254 28.98 1.21 22.22
C GLU A 254 27.56 1.46 22.66
N GLN A 255 27.40 1.78 23.95
CA GLN A 255 26.08 2.05 24.55
C GLN A 255 25.32 3.23 23.91
N ASN A 256 26.01 4.09 23.18
CA ASN A 256 25.36 5.19 22.45
C ASN A 256 24.59 4.78 21.20
N TYR A 257 24.73 3.52 20.78
CA TYR A 257 24.12 3.04 19.53
C TYR A 257 23.00 2.07 19.83
N THR A 258 21.87 2.27 19.14
CA THR A 258 20.70 1.41 19.28
C THR A 258 20.30 0.84 17.93
N CYS A 259 20.00 -0.46 17.92
CA CYS A 259 19.46 -1.14 16.74
C CYS A 259 17.94 -1.17 16.87
N ARG A 260 17.25 -0.96 15.76
CA ARG A 260 15.79 -1.13 15.72
C ARG A 260 15.40 -2.08 14.59
N VAL A 261 14.54 -3.04 14.92
CA VAL A 261 14.02 -4.02 13.99
C VAL A 261 12.52 -3.75 13.76
N TYR A 262 12.14 -3.55 12.49
CA TYR A 262 10.76 -3.33 12.09
C TYR A 262 10.27 -4.54 11.30
N HIS A 263 9.23 -5.20 11.79
CA HIS A 263 8.68 -6.38 11.14
C HIS A 263 7.20 -6.48 11.48
N GLU A 264 6.37 -6.90 10.51
CA GLU A 264 4.90 -6.87 10.68
C GLU A 264 4.33 -7.84 11.74
N GLY A 265 5.11 -8.84 12.13
CA GLY A 265 4.74 -9.74 13.23
C GLY A 265 5.01 -9.20 14.63
N LEU A 266 5.70 -8.06 14.72
CA LEU A 266 6.05 -7.43 16.00
C LEU A 266 4.94 -6.50 16.55
N PRO A 267 4.65 -6.58 17.86
CA PRO A 267 3.73 -5.62 18.50
C PRO A 267 4.23 -4.17 18.41
N GLU A 268 5.51 -3.99 18.72
CA GLU A 268 6.24 -2.72 18.61
C GLU A 268 7.54 -3.08 17.90
N PRO A 269 8.15 -2.14 17.15
CA PRO A 269 9.52 -2.42 16.69
C PRO A 269 10.43 -2.75 17.85
N LEU A 270 11.39 -3.66 17.63
CA LEU A 270 12.35 -4.00 18.66
C LEU A 270 13.40 -2.91 18.72
N THR A 271 13.91 -2.67 19.92
CA THR A 271 14.93 -1.66 20.18
C THR A 271 15.97 -2.36 21.03
N LEU A 272 17.21 -2.40 20.59
CA LEU A 272 18.25 -3.06 21.38
C LEU A 272 19.64 -2.49 21.18
N ARG A 273 20.48 -2.83 22.15
CA ARG A 273 21.85 -2.34 22.24
C ARG A 273 22.77 -3.50 22.51
N TRP A 274 24.07 -3.24 22.36
CA TRP A 274 25.09 -4.19 22.74
C TRP A 274 25.01 -4.43 24.24
N GLU A 275 24.92 -5.70 24.65
CA GLU A 275 24.80 -6.09 26.06
C GLU A 275 25.98 -7.01 26.47
N PRO A 276 27.07 -6.41 27.00
CA PRO A 276 28.16 -7.27 27.47
C PRO A 276 27.75 -8.03 28.73
N GLY B 1 -2.38 -2.42 9.00
CA GLY B 1 -2.67 -1.74 7.68
C GLY B 1 -1.84 -0.48 7.50
N PRO B 2 -2.21 0.40 6.51
CA PRO B 2 -1.49 1.67 6.27
C PRO B 2 -1.98 2.78 7.22
N HIS B 3 -1.60 2.65 8.49
CA HIS B 3 -2.04 3.58 9.54
C HIS B 3 -1.57 5.02 9.29
N SER B 4 -2.35 5.99 9.78
CA SER B 4 -2.04 7.40 9.56
C SER B 4 -2.43 8.30 10.72
N MET B 5 -1.70 9.41 10.86
CA MET B 5 -2.11 10.48 11.74
C MET B 5 -2.04 11.77 10.98
N ARG B 6 -3.04 12.64 11.20
CA ARG B 6 -3.03 13.97 10.61
C ARG B 6 -3.49 15.04 11.57
N TYR B 7 -2.89 16.22 11.45
CA TYR B 7 -3.39 17.43 12.10
C TYR B 7 -3.75 18.45 11.02
N PHE B 8 -5.02 18.87 11.05
CA PHE B 8 -5.56 19.82 10.07
C PHE B 8 -5.85 21.12 10.80
N GLU B 9 -5.19 22.19 10.41
CA GLU B 9 -5.25 23.45 11.12
C GLU B 9 -5.73 24.55 10.20
N THR B 10 -6.50 25.47 10.77
CA THR B 10 -7.12 26.57 10.03
C THR B 10 -7.13 27.83 10.91
N ALA B 11 -6.70 28.95 10.35
CA ALA B 11 -6.93 30.25 10.94
C ALA B 11 -7.68 31.09 9.92
N VAL B 12 -8.74 31.76 10.36
CA VAL B 12 -9.63 32.54 9.50
C VAL B 12 -9.75 33.95 10.09
N SER B 13 -9.30 34.94 9.33
CA SER B 13 -9.35 36.30 9.75
C SER B 13 -10.72 36.89 9.63
N ARG B 14 -10.99 37.85 10.49
CA ARG B 14 -12.30 38.38 10.66
C ARG B 14 -12.26 39.88 10.63
N PRO B 15 -13.30 40.49 9.92
CA PRO B 15 -13.25 41.96 9.95
C PRO B 15 -13.48 42.58 11.32
N GLY B 16 -12.86 43.72 11.57
CA GLY B 16 -13.17 44.57 12.71
C GLY B 16 -12.53 44.21 14.05
N LEU B 17 -11.20 44.32 14.12
CA LEU B 17 -10.41 44.18 15.38
C LEU B 17 -10.35 42.77 16.03
N GLU B 18 -11.16 41.84 15.51
CA GLU B 18 -11.25 40.48 16.05
C GLU B 18 -9.95 39.72 15.79
N GLU B 19 -9.56 38.87 16.74
CA GLU B 19 -8.44 37.95 16.51
C GLU B 19 -8.91 36.92 15.47
N PRO B 20 -8.00 36.36 14.66
CA PRO B 20 -8.41 35.23 13.82
C PRO B 20 -8.93 34.05 14.62
N ARG B 21 -9.87 33.32 14.04
CA ARG B 21 -10.34 32.08 14.60
C ARG B 21 -9.38 30.96 14.19
N TYR B 22 -8.90 30.21 15.18
CA TYR B 22 -7.97 29.11 14.97
C TYR B 22 -8.60 27.82 15.40
N ILE B 23 -8.66 26.87 14.48
CA ILE B 23 -9.16 25.54 14.73
C ILE B 23 -8.11 24.50 14.32
N SER B 24 -7.83 23.58 15.23
CA SER B 24 -6.96 22.46 14.95
C SER B 24 -7.74 21.18 15.21
N VAL B 25 -7.58 20.20 14.31
CA VAL B 25 -8.26 18.92 14.39
C VAL B 25 -7.24 17.81 14.13
N GLY B 26 -7.22 16.83 15.03
CA GLY B 26 -6.35 15.68 14.90
C GLY B 26 -7.14 14.47 14.43
N TYR B 27 -6.53 13.69 13.58
CA TYR B 27 -7.15 12.52 13.01
C TYR B 27 -6.24 11.35 13.18
N VAL B 28 -6.79 10.26 13.64
CA VAL B 28 -6.08 9.02 13.67
C VAL B 28 -6.80 8.06 12.76
N ASP B 29 -6.17 7.71 11.67
CA ASP B 29 -6.75 6.78 10.73
C ASP B 29 -8.03 7.35 10.19
N ASN B 30 -7.96 8.61 9.80
CA ASN B 30 -9.07 9.36 9.24
C ASN B 30 -10.24 9.65 10.13
N LYS B 31 -10.10 9.35 11.40
CA LYS B 31 -11.16 9.59 12.33
C LYS B 31 -10.73 10.61 13.36
N GLU B 32 -11.55 11.63 13.55
CA GLU B 32 -11.23 12.72 14.43
C GLU B 32 -11.11 12.28 15.88
N PHE B 33 -10.00 12.61 16.52
CA PHE B 33 -9.81 12.25 17.92
C PHE B 33 -9.57 13.42 18.89
N VAL B 34 -9.03 14.52 18.40
CA VAL B 34 -8.83 15.71 19.20
C VAL B 34 -9.26 16.94 18.44
N ARG B 35 -9.51 18.02 19.14
CA ARG B 35 -9.94 19.25 18.53
C ARG B 35 -9.76 20.45 19.43
N PHE B 36 -9.33 21.55 18.83
CA PHE B 36 -9.10 22.78 19.52
C PHE B 36 -9.71 23.89 18.72
N ASP B 37 -10.46 24.75 19.39
CA ASP B 37 -11.12 25.85 18.74
C ASP B 37 -11.00 27.05 19.62
N SER B 38 -10.39 28.09 19.11
CA SER B 38 -10.11 29.31 19.88
C SER B 38 -11.39 30.07 20.26
N ASP B 39 -12.49 29.87 19.53
CA ASP B 39 -13.77 30.49 19.86
C ASP B 39 -14.42 29.97 21.13
N ALA B 40 -14.03 28.79 21.59
CA ALA B 40 -14.62 28.25 22.81
C ALA B 40 -14.44 29.17 24.03
N GLU B 41 -15.35 28.99 25.00
CA GLU B 41 -15.31 29.65 26.33
C GLU B 41 -13.91 29.71 26.98
N ASN B 42 -13.28 28.54 27.18
CA ASN B 42 -11.92 28.42 27.73
C ASN B 42 -11.12 27.55 26.76
N PRO B 43 -10.50 28.18 25.72
CA PRO B 43 -9.94 27.43 24.61
C PRO B 43 -8.95 26.36 25.04
N ARG B 44 -9.25 25.11 24.72
CA ARG B 44 -8.32 24.02 24.95
C ARG B 44 -8.60 22.83 24.07
N TYR B 45 -7.61 21.97 23.91
CA TYR B 45 -7.79 20.71 23.21
C TYR B 45 -8.78 19.86 23.97
N GLU B 46 -9.71 19.24 23.25
CA GLU B 46 -10.73 18.37 23.82
C GLU B 46 -10.70 17.02 23.12
N PRO B 47 -11.00 15.96 23.85
CA PRO B 47 -11.14 14.65 23.23
C PRO B 47 -12.40 14.57 22.38
N ARG B 48 -12.29 13.86 21.28
CA ARG B 48 -13.38 13.70 20.30
C ARG B 48 -13.74 12.26 20.03
N ALA B 49 -12.98 11.36 20.65
CA ALA B 49 -13.31 9.97 20.72
C ALA B 49 -13.27 9.59 22.23
N PRO B 50 -14.13 8.67 22.67
CA PRO B 50 -14.16 8.17 24.05
C PRO B 50 -12.80 7.69 24.59
N TRP B 51 -12.07 6.93 23.79
CA TRP B 51 -10.77 6.38 24.18
C TRP B 51 -9.64 7.40 24.46
N MET B 52 -9.83 8.64 24.05
CA MET B 52 -8.93 9.71 24.44
C MET B 52 -9.16 10.21 25.88
N GLU B 53 -10.30 9.85 26.48
CA GLU B 53 -10.60 10.30 27.84
C GLU B 53 -9.77 9.58 28.91
N GLN B 54 -8.94 8.60 28.52
CA GLN B 54 -7.92 8.01 29.41
C GLN B 54 -6.72 8.91 29.66
N GLU B 55 -6.50 9.92 28.81
CA GLU B 55 -5.31 10.75 28.90
C GLU B 55 -5.46 11.70 30.07
N GLY B 56 -4.35 11.91 30.77
CA GLY B 56 -4.32 12.76 31.95
C GLY B 56 -4.23 14.24 31.58
N PRO B 57 -4.56 15.13 32.52
CA PRO B 57 -4.59 16.57 32.21
C PRO B 57 -3.27 17.15 31.70
N GLU B 58 -2.14 16.48 31.99
CA GLU B 58 -0.81 16.86 31.46
C GLU B 58 -0.77 16.81 29.95
N TYR B 59 -1.44 15.80 29.39
CA TYR B 59 -1.48 15.61 27.96
C TYR B 59 -2.22 16.80 27.38
N TRP B 60 -3.40 17.07 27.92
CA TRP B 60 -4.24 18.16 27.41
C TRP B 60 -3.57 19.51 27.54
N GLU B 61 -2.91 19.75 28.67
CA GLU B 61 -2.25 21.02 28.90
C GLU B 61 -1.11 21.24 27.95
N ARG B 62 -0.35 20.18 27.69
CA ARG B 62 0.74 20.24 26.76
C ARG B 62 0.25 20.50 25.34
N GLU B 63 -0.75 19.75 24.90
CA GLU B 63 -1.28 19.99 23.57
C GLU B 63 -1.88 21.38 23.47
N THR B 64 -2.57 21.79 24.52
CA THR B 64 -3.19 23.10 24.55
C THR B 64 -2.14 24.20 24.45
N GLN B 65 -0.98 24.01 25.08
CA GLN B 65 0.08 25.00 25.00
C GLN B 65 0.63 25.09 23.58
N LYS B 66 0.75 23.95 22.88
CA LYS B 66 1.20 23.95 21.50
C LYS B 66 0.24 24.72 20.62
N ALA B 67 -1.05 24.50 20.82
CA ALA B 67 -2.08 25.21 20.07
C ALA B 67 -2.01 26.72 20.23
N LYS B 68 -1.70 27.21 21.43
CA LYS B 68 -1.56 28.66 21.63
C LYS B 68 -0.38 29.19 20.85
N GLY B 69 0.67 28.38 20.75
CA GLY B 69 1.81 28.66 19.90
C GLY B 69 1.44 28.72 18.43
N GLN B 70 0.66 27.74 17.96
CA GLN B 70 0.25 27.70 16.55
C GLN B 70 -0.64 28.88 16.25
N GLU B 71 -1.58 29.13 17.14
CA GLU B 71 -2.51 30.26 16.96
C GLU B 71 -1.75 31.54 16.62
N GLN B 72 -0.70 31.80 17.39
CA GLN B 72 0.10 33.00 17.24
C GLN B 72 0.91 33.02 15.94
N TRP B 73 1.59 31.93 15.65
CA TRP B 73 2.35 31.75 14.40
C TRP B 73 1.43 31.89 13.17
N PHE B 74 0.23 31.35 13.26
CA PHE B 74 -0.79 31.52 12.21
C PHE B 74 -1.24 32.94 12.06
N ARG B 75 -1.42 33.62 13.20
CA ARG B 75 -1.88 35.00 13.18
C ARG B 75 -0.86 35.96 12.51
N VAL B 76 0.42 35.78 12.82
CA VAL B 76 1.48 36.60 12.23
C VAL B 76 1.66 36.26 10.74
N SER B 77 1.55 34.99 10.40
CA SER B 77 1.57 34.55 9.01
C SER B 77 0.47 35.20 8.18
N LEU B 78 -0.75 35.20 8.69
CA LEU B 78 -1.88 35.83 8.01
C LEU B 78 -1.60 37.28 7.66
N ARG B 79 -1.17 38.03 8.67
CA ARG B 79 -0.75 39.43 8.51
C ARG B 79 0.27 39.58 7.40
N ASN B 80 1.31 38.75 7.42
CA ASN B 80 2.34 38.76 6.36
C ASN B 80 1.76 38.44 4.96
N LEU B 81 0.85 37.47 4.91
CA LEU B 81 0.28 37.02 3.65
C LEU B 81 -0.52 38.13 2.99
N LEU B 82 -1.30 38.84 3.80
CA LEU B 82 -2.01 40.05 3.40
C LEU B 82 -1.08 41.06 2.69
N GLY B 83 0.10 41.29 3.27
CA GLY B 83 1.12 42.13 2.67
C GLY B 83 1.76 41.55 1.43
N TYR B 84 2.00 40.25 1.38
CA TYR B 84 2.55 39.60 0.19
C TYR B 84 1.66 39.69 -1.04
N TYR B 85 0.34 39.61 -0.85
CA TYR B 85 -0.62 39.64 -1.96
C TYR B 85 -1.29 41.02 -2.14
N ASN B 86 -0.82 42.03 -1.40
CA ASN B 86 -1.25 43.41 -1.58
C ASN B 86 -2.77 43.57 -1.37
N GLN B 87 -3.27 42.92 -0.32
CA GLN B 87 -4.70 42.99 0.00
C GLN B 87 -4.96 43.99 1.11
N SER B 88 -6.23 44.33 1.30
CA SER B 88 -6.62 45.28 2.34
C SER B 88 -7.05 44.56 3.61
N ALA B 89 -7.23 45.32 4.69
CA ALA B 89 -7.65 44.76 5.96
C ALA B 89 -9.16 44.97 5.97
N GLY B 90 -9.85 44.31 5.04
CA GLY B 90 -11.30 44.25 5.04
C GLY B 90 -12.05 43.67 6.23
N GLY B 91 -11.89 42.38 6.51
CA GLY B 91 -11.42 41.44 5.50
C GLY B 91 -11.79 40.01 5.82
N SER B 92 -11.25 39.07 5.06
CA SER B 92 -11.54 37.66 5.25
C SER B 92 -10.55 36.78 4.49
N HIS B 93 -9.75 36.01 5.21
CA HIS B 93 -8.77 35.13 4.60
C HIS B 93 -8.58 33.86 5.43
N THR B 94 -7.95 32.85 4.83
CA THR B 94 -7.70 31.60 5.52
C THR B 94 -6.29 31.12 5.32
N LEU B 95 -5.76 30.50 6.35
CA LEU B 95 -4.52 29.76 6.31
C LEU B 95 -4.76 28.36 6.84
N GLN B 96 -4.32 27.36 6.11
CA GLN B 96 -4.56 25.99 6.46
C GLN B 96 -3.30 25.22 6.45
N GLN B 97 -3.19 24.23 7.32
CA GLN B 97 -2.01 23.42 7.38
C GLN B 97 -2.41 21.98 7.44
N MET B 98 -1.61 21.13 6.84
CA MET B 98 -1.78 19.71 6.99
C MET B 98 -0.46 19.10 7.36
N SER B 99 -0.47 18.32 8.42
CA SER B 99 0.73 17.70 8.98
C SER B 99 0.40 16.28 9.31
N GLY B 100 1.35 15.38 9.13
CA GLY B 100 1.20 14.04 9.68
C GLY B 100 2.10 13.00 9.05
N CYS B 101 1.87 11.76 9.47
CA CYS B 101 2.67 10.65 9.04
C CYS B 101 1.81 9.45 8.64
N ASP B 102 2.39 8.63 7.76
CA ASP B 102 1.85 7.34 7.33
C ASP B 102 2.79 6.26 7.83
N LEU B 103 2.24 5.26 8.50
CA LEU B 103 2.98 4.13 9.03
C LEU B 103 2.56 2.83 8.38
N GLY B 104 3.50 1.88 8.31
CA GLY B 104 3.25 0.55 7.77
C GLY B 104 2.76 -0.37 8.87
N SER B 105 2.39 -1.59 8.48
CA SER B 105 2.07 -2.66 9.43
C SER B 105 3.28 -3.06 10.30
N ASP B 106 4.48 -2.76 9.82
CA ASP B 106 5.74 -2.90 10.59
C ASP B 106 6.03 -1.72 11.54
N TRP B 107 5.12 -0.73 11.61
CA TRP B 107 5.26 0.48 12.45
C TRP B 107 6.35 1.43 11.97
N ARG B 108 6.64 1.40 10.67
CA ARG B 108 7.75 2.12 10.12
C ARG B 108 7.18 3.24 9.26
N LEU B 109 7.81 4.41 9.33
CA LEU B 109 7.40 5.58 8.58
C LEU B 109 7.41 5.31 7.09
N LEU B 110 6.25 5.45 6.44
CA LEU B 110 6.14 5.43 4.96
C LEU B 110 6.35 6.81 4.39
N ARG B 111 5.64 7.80 4.91
CA ARG B 111 5.76 9.17 4.40
C ARG B 111 5.23 10.18 5.39
N GLY B 112 5.85 11.35 5.42
CA GLY B 112 5.42 12.40 6.31
C GLY B 112 4.98 13.61 5.55
N TYR B 113 4.11 14.42 6.13
CA TYR B 113 3.51 15.53 5.42
C TYR B 113 3.60 16.86 6.09
N GLN B 114 3.71 17.91 5.31
CA GLN B 114 3.69 19.25 5.84
C GLN B 114 3.35 20.20 4.72
N GLN B 115 2.13 20.72 4.70
CA GLN B 115 1.69 21.55 3.59
C GLN B 115 0.86 22.71 4.06
N TYR B 116 0.93 23.84 3.36
CA TYR B 116 0.08 24.96 3.68
C TYR B 116 -0.73 25.43 2.50
N ALA B 117 -1.84 26.06 2.75
CA ALA B 117 -2.65 26.69 1.71
C ALA B 117 -3.14 28.03 2.20
N TYR B 118 -3.19 28.97 1.25
CA TYR B 118 -3.70 30.27 1.53
C TYR B 118 -4.94 30.47 0.70
N ASP B 119 -6.00 30.94 1.34
CA ASP B 119 -7.29 31.15 0.70
C ASP B 119 -7.70 29.92 -0.14
N GLY B 120 -7.48 28.73 0.40
CA GLY B 120 -7.88 27.50 -0.23
C GLY B 120 -7.01 27.00 -1.37
N ARG B 121 -5.86 27.63 -1.58
CA ARG B 121 -4.97 27.31 -2.69
C ARG B 121 -3.62 26.92 -2.16
N ASP B 122 -3.01 25.88 -2.72
CA ASP B 122 -1.66 25.47 -2.38
C ASP B 122 -0.73 26.65 -2.27
N TYR B 123 0.02 26.72 -1.17
CA TYR B 123 0.97 27.81 -0.94
C TYR B 123 2.38 27.26 -0.90
N ILE B 124 2.71 26.49 0.12
CA ILE B 124 4.03 25.86 0.18
C ILE B 124 3.87 24.47 0.75
N ALA B 125 4.77 23.57 0.39
CA ALA B 125 4.68 22.19 0.84
C ALA B 125 6.05 21.56 0.92
N LEU B 126 6.30 20.84 2.00
CA LEU B 126 7.54 20.10 2.16
C LEU B 126 7.48 18.89 1.24
N ASN B 127 8.50 18.68 0.43
CA ASN B 127 8.52 17.54 -0.50
C ASN B 127 8.76 16.25 0.23
N GLU B 128 8.50 15.13 -0.40
CA GLU B 128 8.63 13.85 0.25
C GLU B 128 10.04 13.65 0.73
N ASP B 129 10.94 14.43 0.17
CA ASP B 129 12.28 14.66 0.66
C ASP B 129 12.36 14.74 2.16
N LEU B 130 11.61 15.71 2.67
CA LEU B 130 11.69 16.17 4.02
C LEU B 130 12.83 17.15 4.14
N LYS B 131 13.30 17.66 3.00
CA LYS B 131 14.37 18.63 3.00
C LYS B 131 14.14 19.77 2.07
N THR B 132 13.22 19.63 1.14
CA THR B 132 12.97 20.70 0.18
C THR B 132 11.57 21.24 0.16
N TRP B 133 11.45 22.52 -0.14
CA TRP B 133 10.17 23.17 -0.22
C TRP B 133 9.73 23.41 -1.66
N THR B 134 8.46 23.12 -1.94
CA THR B 134 7.87 23.38 -3.22
C THR B 134 6.86 24.53 -3.07
N ALA B 135 7.18 25.69 -3.60
CA ALA B 135 6.33 26.86 -3.47
C ALA B 135 5.51 26.94 -4.75
N ALA B 136 4.19 27.10 -4.63
CA ALA B 136 3.31 27.07 -5.80
C ALA B 136 3.16 28.43 -6.47
N ASP B 137 3.86 29.43 -5.95
CA ASP B 137 3.39 30.79 -6.01
C ASP B 137 4.54 31.80 -5.97
N MET B 138 4.27 32.99 -6.48
CA MET B 138 5.19 34.09 -6.44
C MET B 138 5.49 34.47 -4.95
N ALA B 139 4.44 34.78 -4.20
CA ALA B 139 4.57 35.07 -2.74
C ALA B 139 5.21 33.96 -1.90
N ALA B 140 4.90 32.71 -2.23
CA ALA B 140 5.48 31.54 -1.53
C ALA B 140 6.98 31.35 -1.76
N GLN B 141 7.54 32.02 -2.77
CA GLN B 141 9.00 32.03 -2.96
C GLN B 141 9.67 32.82 -1.85
N ILE B 142 9.01 33.90 -1.42
CA ILE B 142 9.45 34.72 -0.27
C ILE B 142 9.61 33.81 0.96
N THR B 143 8.54 33.05 1.25
CA THR B 143 8.50 32.11 2.36
C THR B 143 9.52 31.01 2.22
N ARG B 144 9.60 30.41 1.04
CA ARG B 144 10.59 29.36 0.78
C ARG B 144 12.01 29.84 1.04
N ARG B 145 12.31 31.09 0.65
CA ARG B 145 13.65 31.64 0.85
C ARG B 145 13.99 31.71 2.34
N LYS B 146 13.11 32.30 3.14
CA LYS B 146 13.26 32.29 4.60
C LYS B 146 13.54 30.91 5.22
N TRP B 147 12.76 29.90 4.82
CA TRP B 147 12.82 28.57 5.45
C TRP B 147 14.02 27.77 5.02
N GLU B 148 14.50 28.02 3.81
CA GLU B 148 15.75 27.40 3.35
C GLU B 148 16.92 28.01 4.10
N GLN B 149 16.88 29.32 4.32
CA GLN B 149 17.94 30.02 5.04
C GLN B 149 17.99 29.63 6.53
N SER B 150 16.82 29.44 7.15
CA SER B 150 16.74 29.05 8.57
C SER B 150 16.83 27.55 8.83
N GLY B 151 16.72 26.71 7.80
CA GLY B 151 16.72 25.24 7.97
C GLY B 151 15.47 24.73 8.68
N ALA B 152 14.34 25.38 8.43
CA ALA B 152 13.07 24.97 9.00
C ALA B 152 12.73 23.53 8.65
N ALA B 153 13.03 23.13 7.41
CA ALA B 153 12.75 21.73 7.01
C ALA B 153 13.26 20.68 8.02
N GLU B 154 14.44 20.93 8.59
CA GLU B 154 15.03 20.01 9.58
C GLU B 154 14.11 19.82 10.79
N HIS B 155 13.56 20.94 11.27
CA HIS B 155 12.66 20.91 12.41
C HIS B 155 11.42 20.05 12.13
N TYR B 156 10.76 20.29 10.99
CA TYR B 156 9.58 19.50 10.61
C TYR B 156 9.90 18.03 10.34
N LYS B 157 11.04 17.77 9.72
CA LYS B 157 11.50 16.39 9.54
C LYS B 157 11.59 15.62 10.85
N ALA B 158 12.18 16.25 11.87
CA ALA B 158 12.37 15.61 13.18
C ALA B 158 11.07 15.28 13.87
N TYR B 159 10.11 16.21 13.77
CA TYR B 159 8.76 15.96 14.28
C TYR B 159 8.08 14.79 13.54
N LEU B 160 8.14 14.80 12.20
CA LEU B 160 7.49 13.75 11.40
C LEU B 160 8.12 12.37 11.59
N GLU B 161 9.44 12.29 11.64
CA GLU B 161 10.14 11.00 11.85
C GLU B 161 10.08 10.47 13.29
N GLY B 162 9.88 11.37 14.27
CA GLY B 162 9.95 10.98 15.69
C GLY B 162 8.63 11.00 16.42
N GLU B 163 8.32 12.17 16.98
CA GLU B 163 7.11 12.39 17.77
C GLU B 163 5.83 11.89 17.07
N CYS B 164 5.59 12.33 15.83
CA CYS B 164 4.38 11.91 15.06
C CYS B 164 4.21 10.39 15.03
N VAL B 165 5.30 9.70 14.71
CA VAL B 165 5.31 8.24 14.60
C VAL B 165 5.09 7.56 15.96
N GLU B 166 5.81 8.01 16.98
CA GLU B 166 5.72 7.42 18.31
C GLU B 166 4.30 7.58 18.85
N TRP B 167 3.76 8.78 18.72
CA TRP B 167 2.42 9.06 19.22
C TRP B 167 1.33 8.32 18.43
N LEU B 168 1.51 8.15 17.12
CA LEU B 168 0.52 7.41 16.35
C LEU B 168 0.44 6.02 16.92
N HIS B 169 1.62 5.42 17.15
CA HIS B 169 1.65 4.11 17.77
C HIS B 169 0.96 4.03 19.13
N ARG B 170 1.31 4.95 20.03
CA ARG B 170 0.63 5.04 21.35
C ARG B 170 -0.89 5.08 21.20
N TYR B 171 -1.38 5.91 20.26
CA TYR B 171 -2.84 6.08 20.08
C TYR B 171 -3.51 4.82 19.54
N LEU B 172 -2.80 4.08 18.70
CA LEU B 172 -3.32 2.82 18.18
C LEU B 172 -3.47 1.76 19.28
N LYS B 173 -2.42 1.59 20.11
CA LYS B 173 -2.50 0.71 21.27
C LYS B 173 -3.62 1.12 22.20
N ASN B 174 -3.78 2.41 22.43
CA ASN B 174 -4.88 2.95 23.25
C ASN B 174 -6.28 2.60 22.73
N GLY B 175 -6.41 2.41 21.41
CA GLY B 175 -7.69 2.20 20.75
C GLY B 175 -8.10 0.72 20.59
N ASN B 176 -7.24 -0.12 20.00
CA ASN B 176 -7.58 -1.51 19.56
C ASN B 176 -8.51 -2.32 20.50
N LEU B 180 -7.92 -1.27 12.46
CA LEU B 180 -8.14 -2.66 12.86
C LEU B 180 -9.64 -3.03 12.97
N ARG B 181 -10.53 -2.05 13.15
CA ARG B 181 -11.94 -2.29 13.43
C ARG B 181 -12.78 -1.83 12.23
N THR B 182 -13.61 -2.74 11.72
CA THR B 182 -14.38 -2.48 10.52
C THR B 182 -15.85 -2.79 10.73
N ASP B 183 -16.69 -2.21 9.86
CA ASP B 183 -18.11 -2.52 9.75
C ASP B 183 -18.36 -2.85 8.28
N SER B 184 -18.86 -4.06 8.05
CA SER B 184 -19.12 -4.51 6.70
C SER B 184 -20.35 -3.83 6.09
N PRO B 185 -20.34 -3.60 4.77
CA PRO B 185 -21.52 -3.03 4.18
C PRO B 185 -22.67 -4.03 4.10
N LYS B 186 -23.88 -3.52 4.32
CA LYS B 186 -25.11 -4.24 4.00
C LYS B 186 -25.56 -3.69 2.65
N ALA B 187 -25.71 -4.56 1.67
CA ALA B 187 -26.01 -4.15 0.31
C ALA B 187 -27.33 -4.67 -0.15
N HIS B 188 -28.00 -3.91 -1.01
CA HIS B 188 -29.24 -4.33 -1.68
C HIS B 188 -29.40 -3.50 -2.94
N VAL B 189 -30.21 -4.00 -3.87
CA VAL B 189 -30.48 -3.23 -5.08
C VAL B 189 -31.95 -2.85 -5.17
N THR B 190 -32.20 -1.67 -5.68
CA THR B 190 -33.55 -1.20 -5.87
C THR B 190 -33.73 -0.94 -7.36
N HIS B 191 -35.00 -0.89 -7.73
CA HIS B 191 -35.47 -0.91 -9.09
C HIS B 191 -36.30 0.36 -9.28
N HIS B 192 -36.02 1.13 -10.33
CA HIS B 192 -36.68 2.40 -10.54
C HIS B 192 -37.05 2.63 -12.00
N PRO B 193 -38.30 2.92 -12.29
CA PRO B 193 -38.71 3.11 -13.67
C PRO B 193 -38.00 4.22 -14.35
N ARG B 194 -37.92 4.15 -15.66
CA ARG B 194 -37.46 5.21 -16.52
C ARG B 194 -38.50 5.19 -17.59
N SER B 195 -38.32 5.94 -18.65
CA SER B 195 -39.25 5.87 -19.77
C SER B 195 -38.62 5.22 -20.99
N LYS B 196 -39.43 4.85 -21.96
CA LYS B 196 -38.93 4.25 -23.20
C LYS B 196 -38.40 2.82 -23.02
N GLY B 197 -39.04 2.05 -22.15
CA GLY B 197 -38.67 0.64 -21.90
C GLY B 197 -37.32 0.43 -21.22
N GLU B 198 -37.00 1.30 -20.27
CA GLU B 198 -35.74 1.27 -19.54
C GLU B 198 -35.98 1.36 -18.05
N VAL B 199 -35.00 0.88 -17.29
CA VAL B 199 -35.10 0.79 -15.85
C VAL B 199 -33.79 1.15 -15.20
N THR B 200 -33.84 1.75 -14.02
CA THR B 200 -32.64 1.99 -13.25
C THR B 200 -32.49 0.96 -12.16
N LEU B 201 -31.31 0.40 -12.07
CA LEU B 201 -30.98 -0.46 -10.98
C LEU B 201 -29.96 0.24 -10.10
N ARG B 202 -30.22 0.27 -8.82
CA ARG B 202 -29.41 1.00 -7.89
C ARG B 202 -28.90 0.07 -6.81
N CYS B 203 -27.59 0.02 -6.67
CA CYS B 203 -26.90 -0.84 -5.73
C CYS B 203 -26.48 0.00 -4.58
N TRP B 204 -26.99 -0.32 -3.41
CA TRP B 204 -26.73 0.43 -2.22
C TRP B 204 -25.78 -0.32 -1.34
N ALA B 205 -24.83 0.39 -0.74
CA ALA B 205 -24.01 -0.13 0.33
C ALA B 205 -24.20 0.82 1.50
N LEU B 206 -24.52 0.25 2.66
CA LEU B 206 -24.90 1.00 3.85
C LEU B 206 -24.25 0.48 5.12
N GLY B 207 -24.01 1.39 6.05
CA GLY B 207 -23.51 1.04 7.37
C GLY B 207 -22.10 0.51 7.41
N PHE B 208 -21.24 0.99 6.50
CA PHE B 208 -19.85 0.51 6.41
C PHE B 208 -18.83 1.48 7.00
N TYR B 209 -17.77 0.91 7.57
CA TYR B 209 -16.60 1.63 8.04
C TYR B 209 -15.39 0.75 7.82
N PRO B 210 -14.28 1.25 7.33
CA PRO B 210 -14.03 2.65 6.98
C PRO B 210 -14.71 3.07 5.70
N ALA B 211 -14.44 4.29 5.26
CA ALA B 211 -15.21 4.93 4.18
C ALA B 211 -14.88 4.39 2.80
N ASP B 212 -13.67 3.84 2.66
CA ASP B 212 -13.19 3.33 1.35
C ASP B 212 -14.05 2.14 0.87
N ILE B 213 -14.52 2.21 -0.37
CA ILE B 213 -15.40 1.19 -0.94
C ILE B 213 -15.39 1.30 -2.45
N THR B 214 -15.62 0.17 -3.12
CA THR B 214 -15.78 0.15 -4.56
C THR B 214 -17.06 -0.61 -4.90
N LEU B 215 -17.85 -0.01 -5.80
CA LEU B 215 -19.08 -0.64 -6.30
C LEU B 215 -19.01 -0.72 -7.79
N THR B 216 -19.28 -1.90 -8.32
CA THR B 216 -19.23 -2.15 -9.75
C THR B 216 -20.51 -2.83 -10.20
N TRP B 217 -20.88 -2.57 -11.45
CA TRP B 217 -21.96 -3.29 -12.12
C TRP B 217 -21.38 -4.12 -13.25
N GLN B 218 -21.88 -5.33 -13.38
CA GLN B 218 -21.42 -6.27 -14.41
C GLN B 218 -22.57 -6.59 -15.36
N LEU B 219 -22.28 -6.63 -16.67
CA LEU B 219 -23.13 -7.26 -17.70
C LEU B 219 -22.42 -8.49 -18.31
N ASN B 220 -22.86 -9.69 -17.91
CA ASN B 220 -22.26 -10.95 -18.39
C ASN B 220 -20.74 -10.97 -18.19
N GLY B 221 -20.32 -10.73 -16.95
CA GLY B 221 -18.92 -10.71 -16.59
C GLY B 221 -18.08 -9.53 -17.07
N GLU B 222 -18.67 -8.57 -17.80
CA GLU B 222 -17.94 -7.37 -18.24
C GLU B 222 -18.36 -6.14 -17.43
N GLU B 223 -17.39 -5.38 -16.92
CA GLU B 223 -17.65 -4.25 -16.02
C GLU B 223 -18.19 -3.06 -16.78
N LEU B 224 -19.23 -2.43 -16.23
CA LEU B 224 -19.87 -1.26 -16.82
C LEU B 224 -19.36 0.02 -16.15
N THR B 225 -18.09 0.34 -16.41
CA THR B 225 -17.47 1.57 -15.88
C THR B 225 -18.06 2.83 -16.54
N GLN B 226 -18.53 2.66 -17.78
CA GLN B 226 -18.88 3.79 -18.65
C GLN B 226 -20.09 4.61 -18.19
N ASP B 227 -21.27 3.98 -18.17
CA ASP B 227 -22.53 4.70 -17.91
C ASP B 227 -23.15 4.42 -16.52
N MET B 228 -22.28 4.08 -15.57
CA MET B 228 -22.68 3.86 -14.19
C MET B 228 -22.81 5.23 -13.53
N GLU B 229 -23.93 5.50 -12.84
CA GLU B 229 -24.02 6.68 -11.98
C GLU B 229 -23.55 6.28 -10.58
N LEU B 230 -22.90 7.23 -9.91
CA LEU B 230 -22.16 6.97 -8.68
C LEU B 230 -22.33 8.19 -7.80
N VAL B 231 -22.76 8.03 -6.55
CA VAL B 231 -22.70 9.19 -5.62
C VAL B 231 -21.40 9.15 -4.83
N GLU B 232 -20.97 10.33 -4.41
CA GLU B 232 -19.87 10.45 -3.48
C GLU B 232 -20.23 9.79 -2.13
N THR B 233 -19.30 9.00 -1.60
CA THR B 233 -19.47 8.39 -0.29
C THR B 233 -19.80 9.47 0.71
N ARG B 234 -20.67 9.12 1.65
CA ARG B 234 -21.30 10.08 2.53
C ARG B 234 -21.49 9.50 3.90
N PRO B 235 -21.38 10.35 4.94
CA PRO B 235 -21.55 9.90 6.29
C PRO B 235 -23.01 9.72 6.64
N ALA B 236 -23.30 8.61 7.30
CA ALA B 236 -24.63 8.38 7.85
C ALA B 236 -24.93 9.19 9.12
N GLY B 237 -23.88 9.69 9.78
CA GLY B 237 -23.97 10.46 11.02
C GLY B 237 -23.74 9.66 12.28
N ASP B 238 -23.62 8.33 12.13
CA ASP B 238 -23.45 7.42 13.26
C ASP B 238 -22.04 6.81 13.25
N GLY B 239 -21.13 7.41 12.49
CA GLY B 239 -19.77 6.89 12.32
C GLY B 239 -19.58 5.93 11.17
N THR B 240 -20.67 5.50 10.50
CA THR B 240 -20.62 4.64 9.32
C THR B 240 -20.90 5.46 8.05
N PHE B 241 -20.78 4.81 6.89
CA PHE B 241 -20.91 5.47 5.60
C PHE B 241 -21.89 4.78 4.67
N GLN B 242 -22.19 5.50 3.59
CA GLN B 242 -23.17 5.08 2.59
C GLN B 242 -22.67 5.39 1.21
N LYS B 243 -23.02 4.53 0.26
CA LYS B 243 -22.73 4.82 -1.13
C LYS B 243 -23.69 4.05 -1.98
N TRP B 244 -23.92 4.52 -3.20
CA TRP B 244 -24.65 3.73 -4.16
C TRP B 244 -24.17 3.96 -5.55
N ALA B 245 -24.51 2.99 -6.41
CA ALA B 245 -24.13 3.02 -7.82
C ALA B 245 -25.31 2.51 -8.64
N SER B 246 -25.47 3.04 -9.84
CA SER B 246 -26.63 2.69 -10.62
C SER B 246 -26.35 2.65 -12.12
N VAL B 247 -27.10 1.78 -12.79
CA VAL B 247 -27.04 1.64 -14.24
C VAL B 247 -28.46 1.63 -14.79
N VAL B 248 -28.61 2.17 -15.98
CA VAL B 248 -29.86 2.11 -16.71
C VAL B 248 -29.81 0.86 -17.57
N VAL B 249 -30.79 -0.04 -17.42
CA VAL B 249 -30.84 -1.28 -18.19
C VAL B 249 -32.18 -1.45 -18.90
N PRO B 250 -32.22 -2.32 -19.93
CA PRO B 250 -33.50 -2.63 -20.58
C PRO B 250 -34.46 -3.42 -19.69
N LEU B 251 -35.74 -3.05 -19.80
CA LEU B 251 -36.83 -3.66 -19.04
C LEU B 251 -36.94 -5.15 -19.40
N GLY B 252 -37.06 -6.00 -18.39
CA GLY B 252 -37.04 -7.46 -18.57
C GLY B 252 -35.67 -8.13 -18.57
N LYS B 253 -34.59 -7.36 -18.75
CA LYS B 253 -33.22 -7.92 -18.77
C LYS B 253 -32.44 -7.67 -17.47
N GLU B 254 -33.17 -7.50 -16.36
CA GLU B 254 -32.56 -7.05 -15.09
C GLU B 254 -31.62 -8.10 -14.50
N GLN B 255 -32.04 -9.36 -14.58
CA GLN B 255 -31.27 -10.50 -14.08
C GLN B 255 -29.88 -10.68 -14.71
N ASN B 256 -29.64 -10.08 -15.87
CA ASN B 256 -28.33 -10.09 -16.51
C ASN B 256 -27.28 -9.20 -15.86
N TYR B 257 -27.69 -8.36 -14.90
CA TYR B 257 -26.78 -7.39 -14.28
C TYR B 257 -26.52 -7.75 -12.83
N THR B 258 -25.24 -7.71 -12.46
CA THR B 258 -24.79 -8.04 -11.09
C THR B 258 -24.02 -6.85 -10.51
N CYS B 259 -24.33 -6.54 -9.26
CA CYS B 259 -23.60 -5.54 -8.50
C CYS B 259 -22.55 -6.26 -7.64
N ARG B 260 -21.36 -5.68 -7.55
CA ARG B 260 -20.32 -6.19 -6.64
C ARG B 260 -19.82 -5.08 -5.73
N VAL B 261 -19.77 -5.39 -4.43
CA VAL B 261 -19.30 -4.47 -3.40
C VAL B 261 -17.96 -4.98 -2.84
N TYR B 262 -16.94 -4.13 -2.90
CA TYR B 262 -15.61 -4.44 -2.39
C TYR B 262 -15.34 -3.55 -1.19
N HIS B 263 -15.10 -4.17 -0.04
CA HIS B 263 -14.84 -3.44 1.20
C HIS B 263 -13.96 -4.29 2.11
N GLU B 264 -13.02 -3.68 2.82
CA GLU B 264 -12.00 -4.45 3.57
C GLU B 264 -12.51 -5.23 4.78
N GLY B 265 -13.70 -4.90 5.25
CA GLY B 265 -14.40 -5.67 6.28
C GLY B 265 -15.10 -6.95 5.81
N LEU B 266 -15.19 -7.14 4.49
CA LEU B 266 -15.89 -8.28 3.89
C LEU B 266 -14.98 -9.52 3.79
N PRO B 267 -15.50 -10.72 4.12
CA PRO B 267 -14.77 -11.98 3.86
C PRO B 267 -14.45 -12.19 2.39
N GLU B 268 -15.44 -11.95 1.54
CA GLU B 268 -15.30 -11.90 0.09
C GLU B 268 -16.15 -10.73 -0.39
N PRO B 269 -15.85 -10.18 -1.58
CA PRO B 269 -16.73 -9.16 -2.12
C PRO B 269 -18.18 -9.65 -2.23
N LEU B 270 -19.13 -8.76 -2.00
CA LEU B 270 -20.54 -9.12 -2.14
C LEU B 270 -20.89 -9.10 -3.62
N THR B 271 -21.80 -9.99 -3.98
CA THR B 271 -22.27 -10.13 -5.35
C THR B 271 -23.79 -10.19 -5.25
N LEU B 272 -24.49 -9.29 -5.93
CA LEU B 272 -25.94 -9.30 -5.86
C LEU B 272 -26.63 -8.78 -7.10
N ARG B 273 -27.90 -9.13 -7.18
CA ARG B 273 -28.75 -8.81 -8.30
C ARG B 273 -30.07 -8.24 -7.80
N TRP B 274 -30.84 -7.66 -8.71
CA TRP B 274 -32.20 -7.23 -8.42
C TRP B 274 -33.04 -8.46 -8.05
N GLU B 275 -33.69 -8.40 -6.89
CA GLU B 275 -34.52 -9.50 -6.39
C GLU B 275 -35.98 -9.03 -6.20
N PRO B 276 -36.83 -9.21 -7.26
CA PRO B 276 -38.24 -8.89 -7.07
C PRO B 276 -38.91 -9.87 -6.11
N ILE C 1 24.69 -10.27 -21.48
CA ILE C 1 23.62 -11.13 -20.84
C ILE C 1 24.02 -11.88 -19.58
N GLN C 2 25.30 -12.16 -19.42
CA GLN C 2 25.78 -12.95 -18.29
C GLN C 2 25.70 -12.12 -17.01
N LYS C 3 25.15 -12.71 -15.94
CA LYS C 3 25.05 -12.05 -14.64
C LYS C 3 25.75 -12.89 -13.61
N THR C 4 26.59 -12.22 -12.81
CA THR C 4 27.53 -12.88 -11.90
C THR C 4 26.88 -13.26 -10.57
N PRO C 5 27.10 -14.50 -10.11
CA PRO C 5 26.53 -14.97 -8.82
C PRO C 5 26.99 -14.19 -7.61
N GLN C 6 26.08 -14.02 -6.65
CA GLN C 6 26.39 -13.44 -5.35
C GLN C 6 26.19 -14.58 -4.40
N ILE C 7 27.05 -14.67 -3.39
CA ILE C 7 27.06 -15.83 -2.49
C ILE C 7 27.05 -15.41 -1.04
N GLN C 8 26.22 -16.07 -0.25
CA GLN C 8 26.35 -15.97 1.20
C GLN C 8 26.48 -17.34 1.73
N VAL C 9 27.38 -17.52 2.69
CA VAL C 9 27.51 -18.78 3.38
C VAL C 9 27.19 -18.51 4.84
N TYR C 10 26.31 -19.30 5.44
CA TYR C 10 25.84 -19.06 6.80
C TYR C 10 25.10 -20.27 7.34
N SER C 11 24.95 -20.37 8.66
CA SER C 11 24.24 -21.49 9.26
C SER C 11 22.79 -21.18 9.51
N ARG C 12 21.96 -22.21 9.52
CA ARG C 12 20.56 -22.06 9.77
C ARG C 12 20.30 -21.54 11.17
N HIS C 13 20.97 -22.12 12.16
CA HIS C 13 20.83 -21.69 13.56
C HIS C 13 22.11 -21.03 14.03
N PRO C 14 22.05 -20.23 15.14
CA PRO C 14 23.26 -19.68 15.75
C PRO C 14 24.27 -20.79 16.11
N PRO C 15 25.49 -20.71 15.57
CA PRO C 15 26.41 -21.83 15.69
C PRO C 15 26.99 -22.00 17.11
N GLU C 16 26.92 -23.23 17.62
CA GLU C 16 27.57 -23.60 18.88
C GLU C 16 28.44 -24.79 18.55
N ASN C 17 29.73 -24.68 18.85
CA ASN C 17 30.67 -25.78 18.59
C ASN C 17 30.17 -27.09 19.17
N GLY C 18 30.24 -28.16 18.39
CA GLY C 18 29.74 -29.46 18.83
C GLY C 18 28.24 -29.73 18.66
N LYS C 19 27.40 -28.69 18.49
CA LYS C 19 25.95 -28.92 18.28
C LYS C 19 25.65 -29.03 16.78
N PRO C 20 24.94 -30.10 16.36
CA PRO C 20 24.66 -30.25 14.92
C PRO C 20 23.74 -29.13 14.40
N ASN C 21 23.93 -28.79 13.12
CA ASN C 21 23.38 -27.59 12.51
C ASN C 21 23.29 -27.78 11.00
N ILE C 22 22.77 -26.79 10.27
CA ILE C 22 22.78 -26.82 8.82
C ILE C 22 23.55 -25.63 8.30
N LEU C 23 24.39 -25.87 7.31
CA LEU C 23 25.16 -24.82 6.66
C LEU C 23 24.59 -24.55 5.28
N ASN C 24 24.36 -23.27 5.00
CA ASN C 24 23.68 -22.84 3.79
C ASN C 24 24.64 -22.15 2.86
N CYS C 25 24.43 -22.36 1.57
CA CYS C 25 25.08 -21.60 0.52
C CYS C 25 24.01 -21.06 -0.44
N TYR C 26 23.71 -19.78 -0.28
CA TYR C 26 22.63 -19.10 -0.97
C TYR C 26 23.25 -18.35 -2.13
N VAL C 27 22.88 -18.75 -3.34
CA VAL C 27 23.52 -18.26 -4.55
C VAL C 27 22.45 -17.57 -5.35
N THR C 28 22.67 -16.29 -5.66
CA THR C 28 21.65 -15.45 -6.24
C THR C 28 22.21 -14.66 -7.39
N GLN C 29 21.30 -14.05 -8.13
CA GLN C 29 21.60 -12.98 -9.05
C GLN C 29 22.31 -13.42 -10.31
N PHE C 30 22.16 -14.68 -10.71
CA PHE C 30 22.94 -15.19 -11.83
C PHE C 30 22.13 -15.51 -13.08
N HIS C 31 22.84 -15.45 -14.21
CA HIS C 31 22.32 -15.84 -15.50
C HIS C 31 23.50 -16.19 -16.40
N PRO C 32 23.50 -17.31 -17.10
CA PRO C 32 22.37 -18.23 -17.30
C PRO C 32 22.12 -19.18 -16.13
N PRO C 33 21.01 -19.93 -16.19
CA PRO C 33 20.62 -20.76 -15.06
C PRO C 33 21.55 -21.95 -14.77
N HIS C 34 22.24 -22.50 -15.76
CA HIS C 34 23.19 -23.59 -15.45
C HIS C 34 24.29 -23.10 -14.50
N ILE C 35 24.43 -23.80 -13.38
CA ILE C 35 25.41 -23.46 -12.37
C ILE C 35 25.91 -24.74 -11.68
N GLU C 36 27.13 -24.70 -11.15
CA GLU C 36 27.67 -25.82 -10.37
C GLU C 36 28.07 -25.33 -8.97
N ILE C 37 27.54 -25.98 -7.95
CA ILE C 37 27.78 -25.57 -6.58
C ILE C 37 28.31 -26.74 -5.78
N GLN C 38 29.43 -26.49 -5.11
CA GLN C 38 30.05 -27.48 -4.23
C GLN C 38 30.17 -26.88 -2.86
N MET C 39 29.93 -27.70 -1.85
CA MET C 39 30.25 -27.36 -0.48
C MET C 39 31.47 -28.17 -0.03
N LEU C 40 32.40 -27.50 0.64
CA LEU C 40 33.72 -28.06 0.99
C LEU C 40 33.95 -27.98 2.50
N LYS C 41 34.58 -29.01 3.04
CA LYS C 41 35.01 -29.04 4.45
C LYS C 41 36.51 -29.30 4.49
N ASN C 42 37.25 -28.33 5.04
CA ASN C 42 38.72 -28.36 5.09
C ASN C 42 39.35 -28.62 3.72
N GLY C 43 38.83 -27.93 2.69
CA GLY C 43 39.32 -28.05 1.33
C GLY C 43 38.83 -29.27 0.55
N LYS C 44 38.01 -30.14 1.16
CA LYS C 44 37.54 -31.38 0.52
C LYS C 44 36.03 -31.36 0.27
N LYS C 45 35.60 -31.81 -0.92
CA LYS C 45 34.18 -31.86 -1.30
C LYS C 45 33.34 -32.67 -0.33
N ILE C 46 32.21 -32.08 0.07
CA ILE C 46 31.28 -32.72 0.98
C ILE C 46 30.27 -33.50 0.13
N PRO C 47 30.10 -34.80 0.39
CA PRO C 47 29.10 -35.57 -0.36
C PRO C 47 27.69 -35.36 0.21
N LYS C 48 26.65 -35.67 -0.57
CA LYS C 48 25.24 -35.63 -0.12
C LYS C 48 24.78 -34.22 0.25
N VAL C 49 24.93 -33.29 -0.69
CA VAL C 49 24.59 -31.87 -0.52
C VAL C 49 23.21 -31.61 -1.13
N GLU C 50 22.27 -31.18 -0.28
CA GLU C 50 20.91 -30.89 -0.73
C GLU C 50 20.92 -29.63 -1.59
N MET C 51 20.17 -29.66 -2.69
CA MET C 51 20.07 -28.56 -3.62
C MET C 51 18.59 -28.21 -3.82
N SER C 52 18.20 -26.97 -3.57
CA SER C 52 16.82 -26.55 -3.80
C SER C 52 16.52 -26.53 -5.31
N ASP C 53 15.25 -26.50 -5.66
CA ASP C 53 14.87 -26.39 -7.07
C ASP C 53 15.16 -24.99 -7.57
N MET C 54 15.33 -24.84 -8.86
CA MET C 54 15.70 -23.51 -9.33
C MET C 54 14.53 -22.53 -9.45
N SER C 55 14.83 -21.29 -9.11
CA SER C 55 13.87 -20.23 -9.08
C SER C 55 14.50 -19.00 -9.67
N PHE C 56 13.65 -18.03 -10.03
CA PHE C 56 14.12 -16.73 -10.39
C PHE C 56 13.36 -15.62 -9.72
N SER C 57 13.97 -14.45 -9.74
CA SER C 57 13.49 -13.28 -9.04
C SER C 57 12.80 -12.32 -9.99
N LYS C 58 12.23 -11.28 -9.40
CA LYS C 58 11.57 -10.20 -10.12
C LYS C 58 12.47 -9.50 -11.17
N ASP C 59 13.78 -9.45 -10.95
CA ASP C 59 14.71 -8.90 -11.96
C ASP C 59 15.14 -9.94 -13.02
N TRP C 60 14.48 -11.10 -13.05
CA TRP C 60 14.71 -12.20 -14.00
C TRP C 60 15.86 -13.15 -13.62
N SER C 61 16.74 -12.74 -12.70
CA SER C 61 17.95 -13.50 -12.40
C SER C 61 17.64 -14.71 -11.52
N PHE C 62 18.46 -15.75 -11.65
CA PHE C 62 18.20 -17.02 -10.98
C PHE C 62 18.83 -17.08 -9.60
N TYR C 63 18.25 -17.90 -8.73
CA TYR C 63 18.79 -18.18 -7.42
C TYR C 63 18.56 -19.61 -6.99
N ILE C 64 19.37 -20.05 -6.04
CA ILE C 64 19.39 -21.44 -5.64
C ILE C 64 19.92 -21.50 -4.20
N LEU C 65 19.36 -22.40 -3.39
CA LEU C 65 19.87 -22.64 -2.05
C LEU C 65 20.44 -24.05 -1.95
N ALA C 66 21.75 -24.14 -1.66
CA ALA C 66 22.39 -25.41 -1.32
C ALA C 66 22.54 -25.46 0.20
N HIS C 67 22.32 -26.63 0.79
CA HIS C 67 22.66 -26.83 2.18
C HIS C 67 23.20 -28.23 2.50
N THR C 68 23.80 -28.35 3.68
CA THR C 68 24.30 -29.64 4.17
C THR C 68 24.24 -29.73 5.70
N GLU C 69 24.21 -30.94 6.24
CA GLU C 69 24.33 -31.13 7.70
C GLU C 69 25.79 -30.85 8.05
N PHE C 70 26.01 -30.22 9.20
CA PHE C 70 27.36 -30.05 9.73
C PHE C 70 27.35 -29.80 11.23
N THR C 71 28.46 -30.12 11.88
CA THR C 71 28.67 -29.82 13.27
C THR C 71 29.86 -28.87 13.33
N PRO C 72 29.62 -27.60 13.72
CA PRO C 72 30.73 -26.65 13.82
C PRO C 72 31.73 -27.05 14.89
N THR C 73 33.00 -26.71 14.67
CA THR C 73 34.04 -26.87 15.69
C THR C 73 34.89 -25.62 15.70
N GLU C 74 35.79 -25.54 16.67
CA GLU C 74 36.68 -24.39 16.76
C GLU C 74 37.53 -24.22 15.48
N THR C 75 38.01 -25.33 14.90
CA THR C 75 38.97 -25.26 13.77
C THR C 75 38.52 -25.79 12.39
N ASP C 76 37.39 -26.50 12.31
CA ASP C 76 36.86 -26.91 11.02
C ASP C 76 36.50 -25.70 10.13
N THR C 77 36.91 -25.76 8.87
CA THR C 77 36.74 -24.68 7.91
C THR C 77 35.82 -25.14 6.80
N TYR C 78 34.79 -24.33 6.51
CA TYR C 78 33.80 -24.66 5.49
C TYR C 78 33.73 -23.61 4.43
N ALA C 79 33.37 -24.03 3.23
CA ALA C 79 33.26 -23.12 2.11
C ALA C 79 32.27 -23.59 1.09
N CYS C 80 31.97 -22.69 0.17
CA CYS C 80 31.08 -22.92 -0.93
C CYS C 80 31.81 -22.50 -2.19
N ARG C 81 31.87 -23.40 -3.16
CA ARG C 81 32.52 -23.13 -4.43
C ARG C 81 31.53 -23.15 -5.58
N VAL C 82 31.56 -22.10 -6.38
CA VAL C 82 30.59 -21.91 -7.46
C VAL C 82 31.31 -21.76 -8.81
N LYS C 83 30.98 -22.65 -9.74
CA LYS C 83 31.42 -22.56 -11.13
C LYS C 83 30.24 -22.04 -11.92
N HIS C 84 30.50 -21.05 -12.77
CA HIS C 84 29.47 -20.44 -13.58
C HIS C 84 30.16 -19.75 -14.77
N ASP C 85 29.46 -19.70 -15.90
CA ASP C 85 30.02 -19.12 -17.16
C ASP C 85 30.35 -17.61 -17.13
N SER C 86 29.78 -16.88 -16.18
CA SER C 86 30.07 -15.46 -15.98
C SER C 86 31.41 -15.15 -15.34
N MET C 87 32.08 -16.16 -14.78
CA MET C 87 33.37 -15.96 -14.11
C MET C 87 34.42 -16.85 -14.75
N ALA C 88 35.62 -16.27 -14.90
CA ALA C 88 36.78 -16.97 -15.47
C ALA C 88 37.05 -18.30 -14.75
N GLU C 89 37.10 -18.24 -13.43
CA GLU C 89 37.35 -19.43 -12.62
C GLU C 89 36.44 -19.45 -11.40
N PRO C 90 36.35 -20.60 -10.71
CA PRO C 90 35.38 -20.76 -9.63
C PRO C 90 35.56 -19.77 -8.50
N LYS C 91 34.45 -19.42 -7.85
CA LYS C 91 34.48 -18.55 -6.69
C LYS C 91 34.22 -19.34 -5.43
N THR C 92 35.11 -19.18 -4.46
CA THR C 92 34.98 -19.82 -3.16
C THR C 92 34.66 -18.77 -2.12
N VAL C 93 33.63 -19.02 -1.32
CA VAL C 93 33.32 -18.17 -0.20
C VAL C 93 33.36 -19.04 1.03
N TYR C 94 34.11 -18.59 2.04
CA TYR C 94 34.32 -19.37 3.27
C TYR C 94 33.31 -18.96 4.32
N TRP C 95 32.86 -19.93 5.09
CA TRP C 95 32.00 -19.64 6.21
C TRP C 95 32.73 -18.80 7.27
N ASP C 96 32.10 -17.69 7.64
CA ASP C 96 32.50 -16.84 8.76
C ASP C 96 31.33 -16.83 9.73
N ARG C 97 31.50 -17.46 10.89
CA ARG C 97 30.40 -17.64 11.85
C ARG C 97 29.89 -16.31 12.44
N ASP C 98 30.65 -15.24 12.30
CA ASP C 98 30.24 -13.90 12.71
C ASP C 98 29.44 -13.17 11.63
N MET C 99 29.10 -13.84 10.53
CA MET C 99 28.44 -13.19 9.41
C MET C 99 27.40 -14.10 8.75
N ILE D 1 -10.73 31.88 -6.24
CA ILE D 1 -10.65 31.20 -4.89
C ILE D 1 -11.95 30.59 -4.37
N GLN D 2 -13.10 31.11 -4.81
CA GLN D 2 -14.39 30.62 -4.34
C GLN D 2 -14.66 29.22 -4.91
N LYS D 3 -15.08 28.29 -4.05
CA LYS D 3 -15.41 26.92 -4.48
C LYS D 3 -16.84 26.63 -4.10
N THR D 4 -17.59 26.08 -5.05
CA THR D 4 -19.05 25.95 -4.94
C THR D 4 -19.46 24.68 -4.19
N PRO D 5 -20.38 24.80 -3.22
CA PRO D 5 -20.86 23.65 -2.44
C PRO D 5 -21.51 22.55 -3.27
N GLN D 6 -21.31 21.31 -2.86
CA GLN D 6 -21.98 20.15 -3.44
C GLN D 6 -22.84 19.65 -2.30
N ILE D 7 -24.04 19.21 -2.62
CA ILE D 7 -25.02 18.86 -1.60
C ILE D 7 -25.62 17.48 -1.84
N GLN D 8 -25.74 16.69 -0.77
CA GLN D 8 -26.57 15.49 -0.83
C GLN D 8 -27.52 15.55 0.31
N VAL D 9 -28.75 15.15 0.05
CA VAL D 9 -29.75 15.06 1.10
C VAL D 9 -30.17 13.61 1.14
N TYR D 10 -30.18 13.02 2.33
CA TYR D 10 -30.46 11.59 2.49
C TYR D 10 -30.73 11.24 3.94
N SER D 11 -31.36 10.10 4.20
CA SER D 11 -31.62 9.68 5.58
C SER D 11 -30.52 8.76 6.11
N ARG D 12 -30.35 8.77 7.42
CA ARG D 12 -29.40 7.90 8.06
C ARG D 12 -29.74 6.44 7.86
N HIS D 13 -31.01 6.08 8.08
CA HIS D 13 -31.48 4.69 7.92
C HIS D 13 -32.38 4.59 6.70
N PRO D 14 -32.58 3.36 6.16
CA PRO D 14 -33.57 3.18 5.08
C PRO D 14 -34.97 3.66 5.49
N PRO D 15 -35.56 4.59 4.74
CA PRO D 15 -36.77 5.26 5.21
C PRO D 15 -38.02 4.38 5.15
N GLU D 16 -38.74 4.34 6.26
CA GLU D 16 -40.03 3.67 6.34
C GLU D 16 -40.99 4.71 6.84
N ASN D 17 -42.06 4.96 6.09
CA ASN D 17 -43.07 5.94 6.48
C ASN D 17 -43.56 5.68 7.90
N GLY D 18 -43.64 6.72 8.72
CA GLY D 18 -44.06 6.58 10.09
C GLY D 18 -42.98 6.20 11.11
N LYS D 19 -41.85 5.64 10.68
CA LYS D 19 -40.76 5.31 11.63
C LYS D 19 -39.78 6.50 11.78
N PRO D 20 -39.50 6.94 13.03
CA PRO D 20 -38.58 8.07 13.20
C PRO D 20 -37.14 7.75 12.72
N ASN D 21 -36.47 8.78 12.22
CA ASN D 21 -35.25 8.64 11.43
C ASN D 21 -34.46 9.95 11.51
N ILE D 22 -33.28 10.00 10.90
CA ILE D 22 -32.52 11.25 10.82
C ILE D 22 -32.31 11.60 9.37
N LEU D 23 -32.49 12.87 9.04
CA LEU D 23 -32.29 13.38 7.71
C LEU D 23 -31.02 14.21 7.67
N ASN D 24 -30.17 13.92 6.70
CA ASN D 24 -28.85 14.51 6.60
C ASN D 24 -28.77 15.44 5.42
N CYS D 25 -28.01 16.52 5.62
CA CYS D 25 -27.60 17.40 4.56
C CYS D 25 -26.08 17.57 4.62
N TYR D 26 -25.41 16.90 3.69
CA TYR D 26 -23.98 16.81 3.64
C TYR D 26 -23.52 17.80 2.60
N VAL D 27 -22.76 18.79 3.05
CA VAL D 27 -22.36 19.90 2.21
C VAL D 27 -20.86 19.88 2.15
N THR D 28 -20.32 19.80 0.94
CA THR D 28 -18.90 19.56 0.74
C THR D 28 -18.35 20.49 -0.31
N GLN D 29 -17.03 20.53 -0.37
CA GLN D 29 -16.30 21.08 -1.48
C GLN D 29 -16.35 22.58 -1.58
N PHE D 30 -16.55 23.28 -0.46
CA PHE D 30 -16.73 24.72 -0.53
C PHE D 30 -15.60 25.55 0.10
N HIS D 31 -15.48 26.77 -0.40
CA HIS D 31 -14.57 27.77 0.13
C HIS D 31 -15.09 29.14 -0.29
N PRO D 32 -15.20 30.11 0.62
CA PRO D 32 -14.67 30.12 1.99
C PRO D 32 -15.51 29.35 3.00
N PRO D 33 -14.99 29.18 4.22
CA PRO D 33 -15.68 28.34 5.20
C PRO D 33 -17.00 28.89 5.71
N HIS D 34 -17.21 30.21 5.73
CA HIS D 34 -18.52 30.73 6.16
C HIS D 34 -19.64 30.23 5.22
N ILE D 35 -20.65 29.58 5.80
CA ILE D 35 -21.76 29.03 5.06
C ILE D 35 -23.02 29.06 5.92
N GLU D 36 -24.19 29.13 5.28
CA GLU D 36 -25.47 29.09 5.98
C GLU D 36 -26.29 27.92 5.44
N ILE D 37 -26.74 27.05 6.34
CA ILE D 37 -27.46 25.86 5.96
C ILE D 37 -28.77 25.81 6.71
N GLN D 38 -29.85 25.65 5.95
CA GLN D 38 -31.17 25.49 6.51
C GLN D 38 -31.76 24.19 6.03
N MET D 39 -32.46 23.51 6.93
CA MET D 39 -33.28 22.37 6.57
C MET D 39 -34.76 22.79 6.63
N LEU D 40 -35.52 22.37 5.63
CA LEU D 40 -36.90 22.81 5.42
C LEU D 40 -37.84 21.61 5.35
N LYS D 41 -39.02 21.77 5.92
CA LYS D 41 -40.10 20.78 5.84
C LYS D 41 -41.34 21.46 5.25
N ASN D 42 -41.76 20.98 4.09
CA ASN D 42 -42.88 21.56 3.33
C ASN D 42 -42.74 23.06 3.09
N GLY D 43 -41.53 23.47 2.71
CA GLY D 43 -41.21 24.86 2.45
C GLY D 43 -40.95 25.74 3.67
N LYS D 44 -41.04 25.19 4.89
CA LYS D 44 -40.85 25.94 6.13
C LYS D 44 -39.59 25.51 6.90
N LYS D 45 -38.84 26.49 7.42
CA LYS D 45 -37.61 26.24 8.20
C LYS D 45 -37.85 25.34 9.40
N ILE D 46 -36.98 24.34 9.55
CA ILE D 46 -37.04 23.40 10.66
C ILE D 46 -36.17 23.97 11.77
N PRO D 47 -36.73 24.14 12.98
CA PRO D 47 -35.90 24.66 14.07
C PRO D 47 -35.06 23.54 14.70
N LYS D 48 -33.98 23.92 15.38
CA LYS D 48 -33.13 22.98 16.16
C LYS D 48 -32.43 21.91 15.32
N VAL D 49 -31.67 22.40 14.35
CA VAL D 49 -30.97 21.59 13.38
C VAL D 49 -29.53 21.42 13.84
N GLU D 50 -29.11 20.18 14.05
CA GLU D 50 -27.76 19.88 14.52
C GLU D 50 -26.77 20.17 13.38
N MET D 51 -25.66 20.79 13.73
CA MET D 51 -24.63 21.17 12.79
C MET D 51 -23.30 20.61 13.28
N SER D 52 -22.62 19.82 12.46
CA SER D 52 -21.31 19.29 12.83
C SER D 52 -20.30 20.45 12.87
N ASP D 53 -19.16 20.25 13.52
CA ASP D 53 -18.11 21.27 13.52
C ASP D 53 -17.41 21.31 12.17
N MET D 54 -16.77 22.45 11.88
CA MET D 54 -16.20 22.63 10.57
CA MET D 54 -16.05 22.79 10.62
C MET D 54 -14.92 21.81 10.37
N SER D 55 -14.85 21.19 9.19
CA SER D 55 -13.74 20.35 8.82
C SER D 55 -13.35 20.69 7.40
N PHE D 56 -12.14 20.30 7.02
CA PHE D 56 -11.74 20.35 5.64
C PHE D 56 -11.04 19.07 5.17
N SER D 57 -10.97 18.95 3.86
CA SER D 57 -10.49 17.74 3.19
C SER D 57 -9.08 17.92 2.67
N LYS D 58 -8.54 16.83 2.15
CA LYS D 58 -7.21 16.79 1.50
C LYS D 58 -7.01 17.84 0.40
N ASP D 59 -8.07 18.18 -0.34
CA ASP D 59 -7.98 19.22 -1.36
C ASP D 59 -8.16 20.65 -0.78
N TRP D 60 -8.16 20.80 0.54
CA TRP D 60 -8.29 22.07 1.29
C TRP D 60 -9.72 22.58 1.45
N SER D 61 -10.69 22.01 0.72
CA SER D 61 -12.05 22.53 0.73
C SER D 61 -12.80 22.08 1.97
N PHE D 62 -13.78 22.89 2.38
CA PHE D 62 -14.50 22.64 3.64
C PHE D 62 -15.74 21.78 3.43
N TYR D 63 -16.15 21.10 4.49
CA TYR D 63 -17.35 20.32 4.51
C TYR D 63 -17.99 20.35 5.86
N ILE D 64 -19.27 20.03 5.85
CA ILE D 64 -20.09 20.18 7.04
C ILE D 64 -21.27 19.22 6.92
N LEU D 65 -21.66 18.60 8.03
CA LEU D 65 -22.85 17.76 8.04
C LEU D 65 -23.92 18.39 8.92
N ALA D 66 -25.06 18.71 8.32
CA ALA D 66 -26.24 19.12 9.07
C ALA D 66 -27.18 17.93 9.15
N HIS D 67 -27.81 17.73 10.29
CA HIS D 67 -28.89 16.76 10.40
C HIS D 67 -30.03 17.18 11.32
N THR D 68 -31.16 16.49 11.20
CA THR D 68 -32.33 16.73 12.04
C THR D 68 -33.13 15.45 12.28
N GLU D 69 -33.88 15.40 13.36
CA GLU D 69 -34.84 14.30 13.54
C GLU D 69 -36.00 14.53 12.56
N PHE D 70 -36.51 13.43 12.00
CA PHE D 70 -37.73 13.50 11.18
C PHE D 70 -38.42 12.14 11.10
N THR D 71 -39.71 12.17 10.81
CA THR D 71 -40.48 10.97 10.56
C THR D 71 -40.99 11.09 9.13
N PRO D 72 -40.49 10.24 8.22
CA PRO D 72 -40.95 10.30 6.84
C PRO D 72 -42.43 9.94 6.72
N THR D 73 -43.10 10.53 5.75
CA THR D 73 -44.47 10.16 5.40
C THR D 73 -44.57 10.08 3.89
N GLU D 74 -45.72 9.60 3.42
CA GLU D 74 -45.96 9.51 2.00
C GLU D 74 -45.84 10.89 1.31
N THR D 75 -46.34 11.96 1.92
CA THR D 75 -46.40 13.28 1.26
C THR D 75 -45.56 14.43 1.83
N ASP D 76 -44.98 14.27 3.03
CA ASP D 76 -44.07 15.29 3.57
C ASP D 76 -42.82 15.46 2.68
N THR D 77 -42.49 16.72 2.40
CA THR D 77 -41.40 17.09 1.51
C THR D 77 -40.32 17.80 2.30
N TYR D 78 -39.08 17.36 2.13
CA TYR D 78 -37.94 17.92 2.86
C TYR D 78 -36.90 18.44 1.93
N ALA D 79 -36.17 19.45 2.37
CA ALA D 79 -35.12 20.01 1.57
C ALA D 79 -34.03 20.61 2.43
N CYS D 80 -32.95 20.96 1.75
CA CYS D 80 -31.82 21.60 2.35
C CYS D 80 -31.49 22.82 1.53
N ARG D 81 -31.38 23.97 2.18
CA ARG D 81 -31.06 25.22 1.52
C ARG D 81 -29.74 25.78 2.00
N VAL D 82 -28.89 26.12 1.04
CA VAL D 82 -27.52 26.55 1.31
C VAL D 82 -27.26 27.95 0.71
N LYS D 83 -26.90 28.90 1.58
CA LYS D 83 -26.43 30.21 1.17
C LYS D 83 -24.92 30.21 1.31
N HIS D 84 -24.24 30.69 0.28
CA HIS D 84 -22.79 30.74 0.25
C HIS D 84 -22.36 31.80 -0.76
N ASP D 85 -21.22 32.42 -0.52
CA ASP D 85 -20.71 33.51 -1.37
C ASP D 85 -20.35 33.12 -2.81
N SER D 86 -20.12 31.83 -3.06
CA SER D 86 -19.82 31.32 -4.40
C SER D 86 -21.03 31.24 -5.33
N MET D 87 -22.24 31.40 -4.80
CA MET D 87 -23.45 31.31 -5.62
C MET D 87 -24.26 32.61 -5.48
N ALA D 88 -24.80 33.05 -6.62
CA ALA D 88 -25.64 34.25 -6.70
C ALA D 88 -26.77 34.21 -5.68
N GLU D 89 -27.50 33.10 -5.67
CA GLU D 89 -28.61 32.92 -4.74
C GLU D 89 -28.62 31.51 -4.16
N PRO D 90 -29.41 31.27 -3.09
CA PRO D 90 -29.34 30.00 -2.37
C PRO D 90 -29.68 28.79 -3.21
N LYS D 91 -29.09 27.66 -2.86
CA LYS D 91 -29.34 26.41 -3.55
C LYS D 91 -30.15 25.48 -2.65
N THR D 92 -31.28 25.00 -3.19
CA THR D 92 -32.15 24.06 -2.49
C THR D 92 -32.03 22.70 -3.14
N VAL D 93 -31.81 21.68 -2.33
CA VAL D 93 -31.84 20.30 -2.80
C VAL D 93 -32.91 19.57 -1.99
N TYR D 94 -33.81 18.89 -2.69
CA TYR D 94 -34.94 18.20 -2.06
C TYR D 94 -34.60 16.76 -1.79
N TRP D 95 -35.06 16.24 -0.66
CA TRP D 95 -34.90 14.85 -0.36
C TRP D 95 -35.66 13.97 -1.35
N ASP D 96 -34.95 13.00 -1.91
CA ASP D 96 -35.50 11.96 -2.77
C ASP D 96 -35.13 10.65 -2.09
N ARG D 97 -36.13 9.96 -1.55
CA ARG D 97 -35.90 8.74 -0.75
C ARG D 97 -35.30 7.58 -1.54
N ASP D 98 -35.35 7.66 -2.88
CA ASP D 98 -34.69 6.70 -3.75
C ASP D 98 -33.22 7.04 -4.05
N MET D 99 -32.67 8.06 -3.39
CA MET D 99 -31.31 8.52 -3.69
C MET D 99 -30.57 8.98 -2.42
N SER E 1 -4.25 -20.48 -10.01
CA SER E 1 -4.47 -21.07 -11.35
C SER E 1 -3.69 -20.30 -12.41
N GLY E 2 -2.89 -21.03 -13.17
CA GLY E 2 -1.91 -20.44 -14.04
C GLY E 2 -2.45 -19.91 -15.36
N PRO E 3 -1.60 -19.21 -16.08
CA PRO E 3 -1.94 -18.64 -17.36
C PRO E 3 -1.90 -19.64 -18.49
N SER E 4 -2.73 -19.37 -19.47
CA SER E 4 -2.79 -20.15 -20.64
C SER E 4 -2.59 -19.21 -21.79
N ASN E 5 -1.39 -19.15 -22.30
CA ASN E 5 -1.04 -18.17 -23.31
C ASN E 5 -1.77 -18.41 -24.61
N THR E 6 -2.27 -17.36 -25.20
CA THR E 6 -2.93 -17.43 -26.46
C THR E 6 -1.96 -17.31 -27.61
N PRO E 7 -2.28 -17.98 -28.79
CA PRO E 7 -1.52 -17.52 -29.95
C PRO E 7 -1.96 -16.11 -30.35
N PRO E 8 -1.13 -15.32 -31.00
CA PRO E 8 0.14 -15.75 -31.54
C PRO E 8 1.18 -15.85 -30.49
N GLU E 9 2.10 -16.77 -30.70
CA GLU E 9 3.27 -16.86 -29.86
C GLU E 9 4.19 -15.65 -30.10
N ILE E 10 5.37 -15.67 -29.48
CA ILE E 10 6.31 -14.57 -29.62
C ILE E 10 6.75 -14.41 -31.11
N SER F 1 -0.26 13.63 18.93
CA SER F 1 0.51 14.81 19.40
C SER F 1 0.76 15.72 18.20
N GLY F 2 0.18 16.91 18.28
CA GLY F 2 0.26 17.86 17.17
C GLY F 2 1.61 18.54 17.02
N PRO F 3 1.82 19.21 15.88
CA PRO F 3 3.04 19.94 15.59
C PRO F 3 3.15 21.28 16.32
N SER F 4 4.38 21.69 16.49
CA SER F 4 4.72 22.98 16.98
C SER F 4 5.58 23.66 15.95
N ASN F 5 5.01 24.51 15.14
CA ASN F 5 5.74 25.16 14.08
C ASN F 5 6.85 26.03 14.58
N THR F 6 7.99 25.99 13.93
CA THR F 6 9.10 26.81 14.28
C THR F 6 9.03 28.15 13.57
N PRO F 7 9.67 29.17 14.12
CA PRO F 7 9.91 30.37 13.33
C PRO F 7 11.05 30.13 12.34
N PRO F 8 11.16 30.91 11.26
CA PRO F 8 10.25 32.00 10.93
C PRO F 8 8.88 31.54 10.50
N GLU F 9 7.94 32.44 10.71
CA GLU F 9 6.59 32.28 10.21
C GLU F 9 6.53 32.28 8.67
N ILE F 10 5.32 32.27 8.10
CA ILE F 10 5.11 32.39 6.65
C ILE F 10 5.71 33.72 6.18
#